data_4W5Q
#
_entry.id   4W5Q
#
_cell.length_a   55.500
_cell.length_b   116.655
_cell.length_c   70.066
_cell.angle_alpha   90.00
_cell.angle_beta   92.26
_cell.angle_gamma   90.00
#
_symmetry.space_group_name_H-M   'P 1 21 1'
#
loop_
_entity.id
_entity.type
_entity.pdbx_description
1 polymer 'Protein argonaute-2'
2 polymer "RNA (5'-R(P*UP*UP*CP*AP*CP*AP*UP*UP*GP*CP*CP*CP*AP*AP*GP*UP*CP*U)-3')"
3 polymer "RNA (5'-R(*AP*AP*AP*UP*GP*UP*GP*AP*AP*A)-3')"
4 non-polymer 'MAGNESIUM ION'
5 non-polymer PHENOL
#
loop_
_entity_poly.entity_id
_entity_poly.type
_entity_poly.pdbx_seq_one_letter_code
_entity_poly.pdbx_strand_id
1 'polypeptide(L)'
;MYSGAGPALAPPAPPPPIQGYAFKPPPRPDFGTSGRTIKLQANFFEMDIPKIDIYHYELDIKPEKCPRRVNREIVEHMVQ
HFKTQIFGDRKPVFDGRKNLYTAMPLPIGRDKVELEVTLPGEGKDRIFKVSIKWVSCVSLQALHDALSGRLPSVPFETIQ
ALDVVMRHLPSMRYTPVGRSFFTASEGCSNPLGGGREVWFGFHQSVRPSLWKMMLNIDVSATAFYKAQPVIEFVCEVLDF
KSIEEQQKPLTDSQRVKFTKEIKGLKVEITHCGQMKRKYRVCNVTRRPASHQTFPLQQESGQTVECTVAQYFKDRHKLVL
RYPHLPCLQVGQEQKHTYLPLEVCNIVAGQRCIKKLTDNQTSTMIRATARSAPDRQEEISKLMRSADFNTDPYVREFGIM
VKDEMTDVTGRVLQPPSILYGGRNKAIATPVQGVWDMRNKQFHTGIEIKVWAIACFAPQRQCTEVHLKSFTEQLRKISRD
AGMPIQGQPCFCKYAQGADSVEPMFRHLKNTYAGLQLVVVILPGKTPVYAEVKRVGDTVLGMATQCVQMKNVQRTTPQTL
SNLCLKINVKLGGVNNILLPQGRPPVFQQPVIFLGADVTHPPAGDGKKPSIAAVVGSMDAHPNRYCATVRVQQHRQEIIQ
DLAAMVRELLIQFYKSTRFKPTRIIFYRDGVSEGQFQQVLHHELLAIREACIKLEKDYQPGITFIVVQKRHHTRLFCTDK
NERVGKSGNIPAGTTVDTKITHPTEFDFYLCSHAGIQGTSRPSHYHVLWDDNRFSSDELQILTYQLCHTYVRCTRSVSIP
APAYYAHLVAFRARYHLVDKEHDSAEGSHTSGQSNGRDHQALAKAVQVHQDTLRTMYFA
;
A
2 'polyribonucleotide' UUCACAUUGCCCAAGUCUCUU B
3 'polyribonucleotide' AAAUGUGAAAA D
#
loop_
_chem_comp.id
_chem_comp.type
_chem_comp.name
_chem_comp.formula
A RNA linking ADENOSINE-5'-MONOPHOSPHATE 'C10 H14 N5 O7 P'
C RNA linking CYTIDINE-5'-MONOPHOSPHATE 'C9 H14 N3 O8 P'
G RNA linking GUANOSINE-5'-MONOPHOSPHATE 'C10 H14 N5 O8 P'
IPH non-polymer PHENOL 'C6 H6 O'
MG non-polymer 'MAGNESIUM ION' 'Mg 2'
U RNA linking URIDINE-5'-MONOPHOSPHATE 'C9 H13 N2 O9 P'
#
# COMPACT_ATOMS: atom_id res chain seq x y z
N ALA A 22 22.47 -16.56 -4.46
CA ALA A 22 21.68 -15.35 -4.56
C ALA A 22 20.68 -15.43 -5.71
N PHE A 23 20.48 -16.63 -6.23
CA PHE A 23 19.61 -16.84 -7.39
C PHE A 23 18.21 -17.34 -7.03
N LYS A 24 18.11 -18.60 -6.63
CA LYS A 24 16.83 -19.26 -6.46
C LYS A 24 16.35 -19.28 -5.00
N PRO A 25 15.05 -18.98 -4.79
CA PRO A 25 14.44 -19.11 -3.46
C PRO A 25 14.48 -20.56 -2.99
N PRO A 26 14.62 -20.77 -1.68
CA PRO A 26 14.70 -22.13 -1.14
C PRO A 26 13.37 -22.85 -1.27
N PRO A 27 13.39 -24.18 -1.41
CA PRO A 27 12.15 -24.96 -1.45
C PRO A 27 11.53 -25.01 -0.07
N ARG A 28 10.22 -25.27 -0.02
CA ARG A 28 9.54 -25.39 1.28
C ARG A 28 10.10 -26.60 2.01
N PRO A 29 10.72 -26.37 3.18
CA PRO A 29 11.38 -27.43 3.96
C PRO A 29 10.38 -28.44 4.51
N ASP A 30 9.25 -27.94 5.02
CA ASP A 30 8.22 -28.79 5.58
C ASP A 30 6.95 -27.97 5.77
N PHE A 31 5.92 -28.58 6.33
CA PHE A 31 4.69 -27.87 6.64
C PHE A 31 4.58 -27.64 8.15
N GLY A 32 3.93 -26.56 8.53
CA GLY A 32 3.76 -26.23 9.93
C GLY A 32 2.92 -27.27 10.65
N THR A 33 3.22 -27.50 11.92
CA THR A 33 2.52 -28.50 12.70
C THR A 33 1.90 -27.89 13.96
N SER A 34 2.35 -26.67 14.27
CA SER A 34 1.99 -26.03 15.53
C SER A 34 0.59 -25.42 15.50
N GLY A 35 -0.03 -25.31 16.68
CA GLY A 35 -1.30 -24.63 16.82
C GLY A 35 -2.52 -25.45 16.44
N ARG A 36 -3.66 -25.09 17.00
CA ARG A 36 -4.92 -25.77 16.72
C ARG A 36 -5.44 -25.42 15.33
N THR A 37 -6.23 -26.32 14.75
CA THR A 37 -6.75 -26.10 13.41
C THR A 37 -8.02 -25.23 13.40
N ILE A 38 -8.26 -24.59 12.26
CA ILE A 38 -9.45 -23.77 12.05
C ILE A 38 -9.88 -23.85 10.60
N LYS A 39 -11.18 -24.06 10.39
CA LYS A 39 -11.72 -24.17 9.04
C LYS A 39 -11.83 -22.80 8.40
N LEU A 40 -11.11 -22.61 7.30
CA LEU A 40 -11.10 -21.32 6.61
C LEU A 40 -11.55 -21.45 5.16
N GLN A 41 -12.04 -20.33 4.60
CA GLN A 41 -12.35 -20.25 3.20
C GLN A 41 -11.59 -19.10 2.56
N ALA A 42 -10.91 -19.40 1.45
CA ALA A 42 -10.11 -18.41 0.74
C ALA A 42 -10.80 -18.00 -0.55
N ASN A 43 -10.69 -16.71 -0.87
CA ASN A 43 -11.21 -16.17 -2.12
C ASN A 43 -10.36 -16.59 -3.31
N PHE A 44 -9.95 -17.84 -3.32
CA PHE A 44 -9.30 -18.45 -4.47
C PHE A 44 -10.32 -19.43 -5.05
N PHE A 45 -10.30 -19.59 -6.37
CA PHE A 45 -11.27 -20.48 -7.01
C PHE A 45 -10.59 -21.47 -7.96
N GLU A 46 -10.70 -22.76 -7.65
CA GLU A 46 -10.01 -23.81 -8.39
C GLU A 46 -10.25 -23.76 -9.90
N MET A 47 -9.17 -23.92 -10.66
CA MET A 47 -9.25 -23.88 -12.12
C MET A 47 -8.90 -25.24 -12.73
N ASP A 48 -9.78 -25.74 -13.58
CA ASP A 48 -9.47 -26.93 -14.36
C ASP A 48 -8.81 -26.53 -15.67
N ILE A 49 -7.53 -26.84 -15.80
CA ILE A 49 -6.77 -26.50 -16.99
C ILE A 49 -6.49 -27.75 -17.81
N PRO A 50 -6.84 -27.72 -19.11
CA PRO A 50 -6.60 -28.85 -20.01
C PRO A 50 -5.13 -29.19 -20.14
N LYS A 51 -4.82 -30.45 -20.38
CA LYS A 51 -3.44 -30.87 -20.58
C LYS A 51 -3.09 -30.85 -22.07
N ILE A 52 -3.42 -29.74 -22.72
CA ILE A 52 -3.19 -29.60 -24.15
C ILE A 52 -2.35 -28.37 -24.47
N ASP A 53 -1.66 -28.42 -25.61
CA ASP A 53 -0.84 -27.30 -26.05
C ASP A 53 -1.71 -26.13 -26.52
N ILE A 54 -1.25 -24.92 -26.24
CA ILE A 54 -1.86 -23.72 -26.82
C ILE A 54 -0.82 -22.95 -27.62
N TYR A 55 -1.26 -21.97 -28.39
CA TYR A 55 -0.39 -21.35 -29.39
C TYR A 55 -0.19 -19.85 -29.19
N HIS A 56 1.08 -19.46 -29.08
CA HIS A 56 1.48 -18.07 -28.89
C HIS A 56 1.81 -17.43 -30.23
N TYR A 57 1.34 -16.21 -30.41
CA TYR A 57 1.56 -15.46 -31.64
C TYR A 57 1.94 -14.02 -31.32
N GLU A 58 3.03 -13.55 -31.92
CA GLU A 58 3.47 -12.18 -31.70
C GLU A 58 2.80 -11.22 -32.68
N LEU A 59 2.31 -10.09 -32.16
CA LEU A 59 1.64 -9.10 -32.99
C LEU A 59 2.40 -7.78 -33.08
N ASP A 60 2.30 -7.14 -34.23
CA ASP A 60 2.89 -5.83 -34.45
C ASP A 60 1.87 -4.92 -35.11
N ILE A 61 1.54 -3.81 -34.46
CA ILE A 61 0.53 -2.89 -34.97
C ILE A 61 1.12 -1.51 -35.20
N LYS A 62 1.11 -1.05 -36.45
CA LYS A 62 1.58 0.29 -36.79
C LYS A 62 0.41 1.22 -37.07
N PRO A 63 0.34 2.35 -36.34
CA PRO A 63 1.29 2.81 -35.32
C PRO A 63 1.10 2.11 -33.96
N GLU A 64 2.13 2.18 -33.12
CA GLU A 64 2.12 1.48 -31.83
C GLU A 64 1.96 2.47 -30.66
N LYS A 65 1.88 3.75 -30.99
CA LYS A 65 1.77 4.78 -29.96
C LYS A 65 0.35 4.86 -29.38
N CYS A 66 -0.57 4.09 -29.96
CA CYS A 66 -1.97 4.10 -29.55
C CYS A 66 -2.21 3.31 -28.26
N PRO A 67 -3.24 3.69 -27.49
CA PRO A 67 -3.60 3.03 -26.23
C PRO A 67 -3.87 1.52 -26.36
N ARG A 68 -3.87 0.83 -25.23
CA ARG A 68 -4.03 -0.62 -25.20
C ARG A 68 -5.40 -1.06 -25.67
N ARG A 69 -6.43 -0.39 -25.17
CA ARG A 69 -7.82 -0.70 -25.53
C ARG A 69 -8.05 -0.53 -27.02
N VAL A 70 -7.41 0.48 -27.60
CA VAL A 70 -7.47 0.72 -29.04
C VAL A 70 -6.94 -0.49 -29.79
N ASN A 71 -5.78 -0.99 -29.35
CA ASN A 71 -5.19 -2.19 -29.94
C ASN A 71 -6.13 -3.39 -29.82
N ARG A 72 -6.77 -3.52 -28.66
CA ARG A 72 -7.77 -4.57 -28.46
C ARG A 72 -8.89 -4.47 -29.49
N GLU A 73 -9.39 -3.25 -29.72
CA GLU A 73 -10.42 -3.01 -30.73
C GLU A 73 -9.94 -3.44 -32.11
N ILE A 74 -8.74 -3.00 -32.47
CA ILE A 74 -8.12 -3.34 -33.73
C ILE A 74 -8.10 -4.85 -33.95
N VAL A 75 -7.64 -5.58 -32.93
CA VAL A 75 -7.55 -7.03 -33.03
C VAL A 75 -8.93 -7.68 -33.10
N GLU A 76 -9.91 -7.10 -32.41
CA GLU A 76 -11.28 -7.62 -32.46
C GLU A 76 -11.85 -7.51 -33.86
N HIS A 77 -11.81 -6.30 -34.43
CA HIS A 77 -12.24 -6.06 -35.80
C HIS A 77 -11.50 -6.99 -36.76
N MET A 78 -10.20 -7.16 -36.51
CA MET A 78 -9.35 -8.00 -37.34
C MET A 78 -9.83 -9.45 -37.36
N VAL A 79 -10.06 -10.01 -36.18
CA VAL A 79 -10.55 -11.38 -36.04
C VAL A 79 -11.91 -11.52 -36.71
N GLN A 80 -12.76 -10.50 -36.56
CA GLN A 80 -14.08 -10.52 -37.19
C GLN A 80 -13.97 -10.59 -38.71
N HIS A 81 -13.18 -9.70 -39.29
CA HIS A 81 -13.07 -9.58 -40.74
C HIS A 81 -12.46 -10.80 -41.43
N PHE A 82 -11.32 -11.27 -40.91
CA PHE A 82 -10.56 -12.33 -41.56
C PHE A 82 -10.91 -13.72 -41.04
N LYS A 83 -12.18 -13.94 -40.75
CA LYS A 83 -12.62 -15.22 -40.21
C LYS A 83 -12.55 -16.34 -41.24
N THR A 84 -12.68 -15.98 -42.52
CA THR A 84 -12.79 -16.97 -43.58
C THR A 84 -11.46 -17.41 -44.20
N GLN A 85 -10.35 -16.79 -43.79
CA GLN A 85 -9.07 -17.15 -44.37
C GLN A 85 -7.96 -17.37 -43.33
N ILE A 86 -8.24 -17.01 -42.09
CA ILE A 86 -7.28 -17.16 -40.98
C ILE A 86 -7.87 -17.68 -39.66
N PHE A 87 -8.64 -16.83 -39.03
CA PHE A 87 -9.33 -17.14 -37.81
C PHE A 87 -10.57 -17.74 -38.33
N GLY A 88 -11.55 -17.92 -37.47
CA GLY A 88 -12.81 -18.50 -37.87
C GLY A 88 -13.15 -19.66 -37.00
N ASP A 89 -13.92 -19.38 -35.96
CA ASP A 89 -14.39 -20.43 -35.08
C ASP A 89 -13.26 -20.82 -34.14
N ARG A 90 -12.14 -20.13 -34.29
CA ARG A 90 -11.05 -20.24 -33.38
C ARG A 90 -11.21 -18.93 -32.72
N LYS A 91 -11.28 -18.93 -31.40
CA LYS A 91 -11.48 -17.71 -30.63
C LYS A 91 -10.23 -17.31 -29.86
N PRO A 92 -9.42 -16.43 -30.46
CA PRO A 92 -8.15 -15.98 -29.89
C PRO A 92 -8.33 -15.05 -28.71
N VAL A 93 -7.28 -14.90 -27.91
CA VAL A 93 -7.25 -13.91 -26.84
C VAL A 93 -6.07 -12.96 -27.07
N PHE A 94 -6.21 -11.72 -26.62
CA PHE A 94 -5.20 -10.70 -26.91
C PHE A 94 -4.85 -9.88 -25.66
N ASP A 95 -3.55 -9.70 -25.43
CA ASP A 95 -3.08 -9.05 -24.21
C ASP A 95 -2.98 -7.52 -24.34
N GLY A 96 -3.51 -6.98 -25.42
CA GLY A 96 -3.53 -5.54 -25.62
C GLY A 96 -2.25 -4.97 -26.20
N ARG A 97 -1.24 -5.83 -26.38
CA ARG A 97 0.07 -5.38 -26.88
C ARG A 97 0.65 -6.15 -28.08
N LYS A 98 1.36 -7.24 -27.80
CA LYS A 98 2.02 -8.04 -28.83
C LYS A 98 1.89 -9.54 -28.61
N ASN A 99 0.82 -9.96 -27.93
CA ASN A 99 0.62 -11.38 -27.69
C ASN A 99 -0.82 -11.85 -27.90
N LEU A 100 -0.97 -12.86 -28.76
CA LEU A 100 -2.26 -13.44 -29.09
C LEU A 100 -2.19 -14.95 -28.91
N TYR A 101 -3.15 -15.52 -28.18
CA TYR A 101 -3.12 -16.96 -27.91
C TYR A 101 -4.34 -17.69 -28.48
N THR A 102 -4.10 -18.84 -29.09
CA THR A 102 -5.20 -19.66 -29.62
C THR A 102 -5.14 -21.11 -29.14
N ALA A 103 -6.31 -21.73 -29.00
CA ALA A 103 -6.38 -23.12 -28.56
C ALA A 103 -5.89 -24.08 -29.64
N MET A 104 -6.53 -24.05 -30.80
CA MET A 104 -6.12 -24.85 -31.94
C MET A 104 -5.31 -23.96 -32.89
N PRO A 105 -4.31 -24.55 -33.58
CA PRO A 105 -3.35 -23.76 -34.36
C PRO A 105 -3.98 -23.00 -35.54
N LEU A 106 -3.20 -22.08 -36.10
CA LEU A 106 -3.66 -21.23 -37.20
C LEU A 106 -2.94 -21.61 -38.50
N PRO A 107 -3.48 -21.16 -39.65
CA PRO A 107 -2.75 -21.33 -40.91
C PRO A 107 -1.47 -20.49 -40.95
N ILE A 108 -0.47 -20.91 -40.17
CA ILE A 108 0.80 -20.20 -40.05
C ILE A 108 1.94 -21.20 -40.18
N GLY A 109 3.04 -20.76 -40.79
CA GLY A 109 4.11 -21.66 -41.22
C GLY A 109 5.37 -21.98 -40.42
N ARG A 110 6.00 -21.05 -39.71
CA ARG A 110 5.50 -19.71 -39.39
C ARG A 110 5.73 -18.63 -40.44
N ASP A 111 5.00 -18.71 -41.54
CA ASP A 111 5.01 -17.66 -42.55
C ASP A 111 4.26 -16.45 -42.01
N LYS A 112 4.99 -15.38 -41.74
CA LYS A 112 4.37 -14.15 -41.24
C LYS A 112 3.44 -13.55 -42.29
N VAL A 113 2.21 -13.23 -41.87
CA VAL A 113 1.25 -12.61 -42.76
C VAL A 113 0.92 -11.20 -42.28
N GLU A 114 1.05 -10.22 -43.18
CA GLU A 114 0.66 -8.86 -42.85
C GLU A 114 -0.78 -8.61 -43.26
N LEU A 115 -1.57 -8.09 -42.33
CA LEU A 115 -2.96 -7.77 -42.57
C LEU A 115 -3.19 -6.27 -42.56
N GLU A 116 -4.10 -5.81 -43.40
CA GLU A 116 -4.52 -4.42 -43.38
C GLU A 116 -5.90 -4.33 -42.76
N VAL A 117 -6.02 -3.50 -41.72
CA VAL A 117 -7.28 -3.41 -40.97
C VAL A 117 -7.88 -2.01 -41.02
N THR A 118 -9.20 -1.95 -41.03
CA THR A 118 -9.93 -0.69 -41.06
C THR A 118 -10.78 -0.51 -39.81
N LEU A 119 -10.58 0.59 -39.11
CA LEU A 119 -11.24 0.83 -37.85
C LEU A 119 -11.92 2.21 -37.82
N PRO A 120 -13.22 2.23 -37.48
CA PRO A 120 -13.98 3.48 -37.38
C PRO A 120 -13.72 4.19 -36.06
N ILE A 127 -6.85 1.30 -41.77
CA ILE A 127 -5.98 2.39 -41.32
C ILE A 127 -4.86 1.85 -40.41
N PHE A 128 -4.81 0.53 -40.26
CA PHE A 128 -3.76 -0.11 -39.46
C PHE A 128 -3.08 -1.27 -40.20
N LYS A 129 -1.82 -1.51 -39.87
CA LYS A 129 -1.07 -2.64 -40.41
C LYS A 129 -0.66 -3.59 -39.29
N VAL A 130 -1.03 -4.86 -39.41
CA VAL A 130 -0.81 -5.84 -38.36
C VAL A 130 0.07 -7.00 -38.82
N SER A 131 1.02 -7.40 -37.97
CA SER A 131 1.89 -8.53 -38.27
C SER A 131 1.59 -9.73 -37.37
N ILE A 132 1.18 -10.84 -37.97
CA ILE A 132 0.89 -12.06 -37.21
C ILE A 132 1.90 -13.17 -37.49
N LYS A 133 2.77 -13.42 -36.53
CA LYS A 133 3.79 -14.46 -36.66
C LYS A 133 3.81 -15.38 -35.44
N TRP A 134 3.90 -16.68 -35.70
CA TRP A 134 3.92 -17.68 -34.64
C TRP A 134 5.20 -17.61 -33.82
N VAL A 135 5.10 -17.94 -32.53
CA VAL A 135 6.24 -17.89 -31.62
C VAL A 135 6.54 -19.22 -30.97
N SER A 136 5.56 -19.78 -30.26
CA SER A 136 5.78 -21.02 -29.53
C SER A 136 4.49 -21.76 -29.18
N CYS A 137 4.64 -23.03 -28.79
CA CYS A 137 3.51 -23.83 -28.32
C CYS A 137 3.57 -23.97 -26.80
N VAL A 138 2.86 -23.10 -26.10
CA VAL A 138 2.82 -23.14 -24.64
C VAL A 138 2.19 -24.46 -24.16
N SER A 139 2.98 -25.23 -23.41
CA SER A 139 2.53 -26.52 -22.90
C SER A 139 1.87 -26.38 -21.54
N LEU A 140 0.61 -26.77 -21.44
CA LEU A 140 -0.10 -26.73 -20.17
C LEU A 140 0.21 -27.98 -19.36
N GLN A 141 0.60 -29.05 -20.06
CA GLN A 141 1.00 -30.30 -19.42
C GLN A 141 2.23 -30.08 -18.55
N ALA A 142 3.18 -29.29 -19.04
CA ALA A 142 4.38 -28.95 -18.30
C ALA A 142 4.02 -28.15 -17.04
N LEU A 143 2.94 -27.38 -17.14
CA LEU A 143 2.44 -26.63 -16.00
C LEU A 143 1.83 -27.57 -14.97
N HIS A 144 1.08 -28.56 -15.46
CA HIS A 144 0.54 -29.60 -14.58
C HIS A 144 1.67 -30.32 -13.85
N ASP A 145 2.75 -30.59 -14.57
CA ASP A 145 3.94 -31.21 -13.99
C ASP A 145 4.53 -30.33 -12.91
N ALA A 146 4.74 -29.05 -13.24
CA ALA A 146 5.33 -28.08 -12.33
C ALA A 146 4.54 -27.93 -11.03
N LEU A 147 3.22 -27.90 -11.15
CA LEU A 147 2.35 -27.79 -9.98
C LEU A 147 2.54 -28.96 -9.03
N SER A 148 2.87 -30.12 -9.57
CA SER A 148 3.21 -31.28 -8.78
C SER A 148 4.57 -30.82 -8.52
N GLY A 149 5.41 -31.68 -8.02
CA GLY A 149 6.79 -31.32 -7.87
C GLY A 149 7.61 -31.82 -9.02
N ARG A 150 6.94 -32.43 -9.99
CA ARG A 150 7.57 -33.10 -11.10
C ARG A 150 8.43 -32.20 -12.02
N LEU A 151 8.01 -30.99 -12.30
CA LEU A 151 8.86 -30.02 -12.93
C LEU A 151 9.32 -29.33 -11.70
N PRO A 152 10.49 -28.56 -11.75
CA PRO A 152 10.85 -27.95 -10.47
C PRO A 152 10.62 -26.44 -10.48
N SER A 153 10.48 -25.93 -11.67
CA SER A 153 10.18 -24.52 -11.83
C SER A 153 8.78 -24.28 -12.40
N VAL A 154 8.20 -23.14 -12.04
CA VAL A 154 6.89 -22.75 -12.55
C VAL A 154 7.05 -21.87 -13.79
N PRO A 155 6.54 -22.36 -14.95
CA PRO A 155 6.64 -21.64 -16.22
C PRO A 155 5.91 -20.31 -16.20
N PHE A 156 6.67 -19.22 -16.24
CA PHE A 156 6.10 -17.88 -16.19
C PHE A 156 5.16 -17.59 -17.37
N GLU A 157 5.66 -17.82 -18.59
CA GLU A 157 4.91 -17.50 -19.80
C GLU A 157 3.55 -18.20 -19.87
N THR A 158 3.48 -19.39 -19.30
CA THR A 158 2.25 -20.17 -19.27
C THR A 158 1.21 -19.49 -18.38
N ILE A 159 1.63 -19.14 -17.16
CA ILE A 159 0.79 -18.39 -16.23
C ILE A 159 0.32 -17.10 -16.89
N GLN A 160 1.25 -16.40 -17.53
CA GLN A 160 0.92 -15.20 -18.30
C GLN A 160 -0.18 -15.47 -19.31
N ALA A 161 -0.04 -16.54 -20.09
CA ALA A 161 -1.01 -16.91 -21.10
C ALA A 161 -2.40 -17.14 -20.49
N LEU A 162 -2.46 -17.98 -19.45
CA LEU A 162 -3.72 -18.25 -18.76
C LEU A 162 -4.35 -16.96 -18.26
N ASP A 163 -3.53 -16.05 -17.73
CA ASP A 163 -4.01 -14.76 -17.26
C ASP A 163 -4.62 -13.95 -18.40
N VAL A 164 -3.90 -13.88 -19.52
CA VAL A 164 -4.39 -13.18 -20.71
C VAL A 164 -5.73 -13.75 -21.15
N VAL A 165 -5.87 -15.07 -21.05
CA VAL A 165 -7.12 -15.72 -21.39
C VAL A 165 -8.25 -15.28 -20.45
N MET A 166 -7.99 -15.33 -19.14
CA MET A 166 -9.01 -15.02 -18.15
C MET A 166 -9.48 -13.57 -18.20
N ARG A 167 -8.60 -12.66 -18.62
CA ARG A 167 -8.92 -11.24 -18.62
C ARG A 167 -9.09 -10.66 -20.02
N HIS A 168 -9.45 -11.49 -20.98
CA HIS A 168 -9.67 -11.04 -22.35
C HIS A 168 -11.02 -10.35 -22.48
N LEU A 169 -12.10 -11.07 -22.18
CA LEU A 169 -13.45 -10.53 -22.24
C LEU A 169 -13.68 -9.34 -21.28
N PRO A 170 -13.34 -9.48 -19.99
CA PRO A 170 -13.62 -8.35 -19.10
C PRO A 170 -12.79 -7.10 -19.40
N SER A 171 -11.73 -7.24 -20.20
CA SER A 171 -10.95 -6.08 -20.63
C SER A 171 -11.69 -5.33 -21.73
N MET A 172 -12.69 -5.98 -22.31
CA MET A 172 -13.54 -5.35 -23.32
C MET A 172 -14.78 -4.77 -22.66
N ARG A 173 -15.47 -5.60 -21.88
CA ARG A 173 -16.73 -5.20 -21.27
C ARG A 173 -16.59 -4.18 -20.13
N TYR A 174 -15.49 -4.28 -19.38
CA TYR A 174 -15.30 -3.40 -18.23
C TYR A 174 -14.14 -2.43 -18.43
N THR A 175 -13.85 -1.66 -17.38
CA THR A 175 -12.76 -0.69 -17.40
C THR A 175 -11.59 -1.18 -16.55
N PRO A 176 -10.54 -1.70 -17.20
CA PRO A 176 -9.36 -2.25 -16.52
C PRO A 176 -8.58 -1.20 -15.74
N VAL A 177 -8.36 -1.46 -14.45
CA VAL A 177 -7.47 -0.67 -13.63
C VAL A 177 -6.50 -1.60 -12.90
N GLY A 178 -5.26 -1.62 -13.37
CA GLY A 178 -4.28 -2.55 -12.82
C GLY A 178 -4.66 -3.98 -13.16
N ARG A 179 -4.90 -4.77 -12.13
CA ARG A 179 -5.36 -6.15 -12.32
C ARG A 179 -6.84 -6.25 -12.00
N SER A 180 -7.48 -5.11 -11.80
CA SER A 180 -8.90 -5.07 -11.48
C SER A 180 -9.73 -4.58 -12.67
N PHE A 181 -11.06 -4.69 -12.53
CA PHE A 181 -12.00 -4.23 -13.53
C PHE A 181 -13.11 -3.50 -12.79
N PHE A 182 -13.50 -2.33 -13.29
CA PHE A 182 -14.56 -1.55 -12.64
C PHE A 182 -15.64 -1.20 -13.65
N THR A 183 -16.87 -0.98 -13.18
CA THR A 183 -17.95 -0.63 -14.09
C THR A 183 -19.07 0.19 -13.44
N ALA A 184 -19.85 0.85 -14.28
CA ALA A 184 -21.03 1.60 -13.83
C ALA A 184 -21.96 0.66 -13.09
N SER A 185 -22.30 0.98 -11.85
CA SER A 185 -23.14 0.04 -11.12
C SER A 185 -24.46 -0.02 -11.83
N GLU A 186 -25.02 -1.20 -11.89
CA GLU A 186 -26.31 -1.45 -12.48
C GLU A 186 -27.26 -0.71 -11.61
N GLY A 187 -28.32 -0.22 -12.18
CA GLY A 187 -29.05 0.91 -11.69
C GLY A 187 -29.12 1.29 -10.24
N CYS A 188 -27.99 1.57 -9.66
CA CYS A 188 -27.90 2.24 -8.39
C CYS A 188 -26.91 3.32 -8.70
N SER A 189 -26.94 4.45 -8.03
CA SER A 189 -25.77 5.30 -8.18
C SER A 189 -25.16 5.61 -6.83
N ASN A 190 -23.87 5.95 -6.84
CA ASN A 190 -23.17 6.33 -5.61
C ASN A 190 -22.33 7.57 -5.80
N PRO A 191 -22.97 8.75 -5.81
CA PRO A 191 -22.30 10.04 -6.03
C PRO A 191 -21.38 10.42 -4.88
N LEU A 192 -20.26 11.06 -5.22
CA LEU A 192 -19.32 11.54 -4.22
C LEU A 192 -19.34 13.07 -4.18
N GLY A 193 -19.95 13.67 -5.20
CA GLY A 193 -19.93 15.11 -5.35
C GLY A 193 -18.77 15.52 -6.23
N GLY A 194 -18.80 16.77 -6.69
CA GLY A 194 -17.76 17.28 -7.57
C GLY A 194 -17.75 16.60 -8.92
N GLY A 195 -18.84 15.93 -9.25
CA GLY A 195 -18.97 15.21 -10.50
C GLY A 195 -18.37 13.81 -10.41
N ARG A 196 -18.10 13.38 -9.18
CA ARG A 196 -17.50 12.06 -8.95
C ARG A 196 -18.50 11.10 -8.33
N GLU A 197 -18.35 9.83 -8.63
CA GLU A 197 -19.22 8.78 -8.12
C GLU A 197 -18.44 7.49 -7.90
N VAL A 198 -18.96 6.64 -7.03
CA VAL A 198 -18.29 5.37 -6.73
C VAL A 198 -18.61 4.32 -7.80
N TRP A 199 -17.56 3.77 -8.39
CA TRP A 199 -17.69 2.60 -9.25
C TRP A 199 -17.23 1.37 -8.50
N PHE A 200 -17.98 0.28 -8.67
CA PHE A 200 -17.60 -0.98 -8.05
C PHE A 200 -16.95 -1.89 -9.09
N GLY A 201 -16.26 -2.92 -8.60
CA GLY A 201 -15.57 -3.85 -9.47
C GLY A 201 -14.85 -4.95 -8.71
N PHE A 202 -13.81 -5.50 -9.32
CA PHE A 202 -13.14 -6.66 -8.75
C PHE A 202 -11.72 -6.86 -9.26
N HIS A 203 -10.84 -7.28 -8.37
CA HIS A 203 -9.52 -7.76 -8.75
C HIS A 203 -9.59 -9.23 -9.16
N GLN A 204 -8.93 -9.55 -10.28
CA GLN A 204 -8.86 -10.91 -10.77
C GLN A 204 -7.41 -11.26 -11.08
N SER A 205 -6.96 -12.43 -10.66
CA SER A 205 -5.60 -12.87 -10.96
C SER A 205 -5.49 -14.39 -11.06
N VAL A 206 -4.50 -14.86 -11.82
CA VAL A 206 -4.26 -16.31 -11.94
C VAL A 206 -3.00 -16.69 -11.17
N ARG A 207 -3.14 -17.58 -10.21
CA ARG A 207 -2.04 -17.95 -9.34
C ARG A 207 -1.83 -19.46 -9.28
N PRO A 208 -0.57 -19.90 -9.43
CA PRO A 208 -0.27 -21.31 -9.19
C PRO A 208 -0.35 -21.59 -7.71
N SER A 209 -0.61 -22.85 -7.33
CA SER A 209 -0.67 -23.21 -5.92
C SER A 209 -0.33 -24.67 -5.69
N LEU A 210 -0.29 -25.01 -4.43
CA LEU A 210 0.15 -26.29 -4.04
C LEU A 210 -0.80 -27.22 -4.69
N TRP A 211 -2.07 -26.88 -4.70
CA TRP A 211 -3.07 -27.73 -5.24
C TRP A 211 -3.39 -27.61 -6.71
N LYS A 212 -3.85 -26.47 -7.19
CA LYS A 212 -4.37 -26.40 -8.54
C LYS A 212 -4.27 -25.00 -8.94
N MET A 213 -4.41 -24.68 -10.19
CA MET A 213 -4.44 -23.28 -10.55
C MET A 213 -5.56 -22.64 -9.75
N MET A 214 -5.39 -21.37 -9.42
CA MET A 214 -6.37 -20.65 -8.62
C MET A 214 -6.71 -19.31 -9.23
N LEU A 215 -8.00 -19.00 -9.27
CA LEU A 215 -8.46 -17.69 -9.69
C LEU A 215 -8.72 -16.85 -8.45
N ASN A 216 -7.85 -15.89 -8.20
CA ASN A 216 -8.02 -14.97 -7.08
C ASN A 216 -8.96 -13.83 -7.46
N ILE A 217 -10.12 -13.80 -6.83
CA ILE A 217 -11.13 -12.79 -7.10
C ILE A 217 -11.46 -12.06 -5.82
N ASP A 218 -11.46 -10.73 -5.87
CA ASP A 218 -11.83 -9.95 -4.70
C ASP A 218 -12.59 -8.68 -5.08
N VAL A 219 -13.58 -8.29 -4.26
CA VAL A 219 -14.36 -7.09 -4.58
C VAL A 219 -13.58 -5.82 -4.28
N SER A 220 -13.76 -4.81 -5.12
CA SER A 220 -13.10 -3.52 -4.90
C SER A 220 -13.99 -2.38 -5.38
N ALA A 221 -13.60 -1.15 -5.07
CA ALA A 221 -14.34 0.03 -5.50
C ALA A 221 -13.43 1.25 -5.57
N THR A 222 -13.74 2.18 -6.48
CA THR A 222 -12.93 3.39 -6.61
C THR A 222 -13.71 4.56 -7.22
N ALA A 223 -13.09 5.74 -7.19
CA ALA A 223 -13.75 6.95 -7.68
C ALA A 223 -13.70 7.05 -9.20
N PHE A 224 -14.78 7.56 -9.79
CA PHE A 224 -14.85 7.76 -11.23
C PHE A 224 -15.61 9.05 -11.55
N TYR A 225 -15.26 9.70 -12.66
CA TYR A 225 -16.00 10.88 -13.08
C TYR A 225 -17.29 10.46 -13.79
N LYS A 226 -18.40 11.03 -13.36
CA LYS A 226 -19.70 10.76 -13.97
C LYS A 226 -19.69 11.21 -15.42
N ALA A 227 -20.21 10.38 -16.32
CA ALA A 227 -20.33 10.75 -17.72
C ALA A 227 -21.54 11.66 -17.91
N GLN A 228 -21.48 12.84 -17.30
CA GLN A 228 -22.56 13.82 -17.37
C GLN A 228 -22.14 14.97 -18.28
N PRO A 229 -23.09 15.87 -18.63
CA PRO A 229 -22.69 17.06 -19.40
C PRO A 229 -21.70 17.91 -18.62
N VAL A 230 -20.86 18.66 -19.34
CA VAL A 230 -19.87 19.53 -18.71
C VAL A 230 -20.55 20.60 -17.86
N ILE A 231 -21.75 21.00 -18.28
CA ILE A 231 -22.56 21.96 -17.52
C ILE A 231 -22.87 21.43 -16.10
N GLU A 232 -23.39 20.21 -16.03
CA GLU A 232 -23.71 19.60 -14.74
C GLU A 232 -22.44 19.35 -13.93
N PHE A 233 -21.33 19.13 -14.62
CA PHE A 233 -20.03 19.00 -13.97
C PHE A 233 -19.67 20.33 -13.30
N VAL A 234 -19.95 21.43 -13.99
CA VAL A 234 -19.72 22.77 -13.45
C VAL A 234 -20.60 22.96 -12.22
N CYS A 235 -21.85 22.52 -12.30
CA CYS A 235 -22.77 22.63 -11.17
C CYS A 235 -22.27 21.85 -9.95
N GLU A 236 -21.77 20.67 -10.21
CA GLU A 236 -21.27 19.78 -9.22
C GLU A 236 -20.07 20.34 -8.52
N VAL A 237 -19.18 20.87 -9.32
CA VAL A 237 -17.87 21.34 -8.90
C VAL A 237 -17.95 22.68 -8.15
N LEU A 238 -18.79 23.59 -8.66
CA LEU A 238 -18.89 24.93 -8.08
C LEU A 238 -20.02 25.04 -7.06
N ASP A 239 -20.59 23.90 -6.68
CA ASP A 239 -21.69 23.84 -5.71
C ASP A 239 -22.90 24.67 -6.16
N PHE A 240 -23.30 24.51 -7.41
CA PHE A 240 -24.50 25.17 -7.92
C PHE A 240 -25.68 24.23 -7.83
N LYS A 241 -26.85 24.76 -7.49
CA LYS A 241 -28.08 23.99 -7.54
C LYS A 241 -28.38 23.70 -9.00
N SER A 242 -28.21 24.72 -9.82
CA SER A 242 -28.29 24.64 -11.25
C SER A 242 -27.66 25.93 -11.75
N ILE A 243 -27.33 26.01 -13.04
CA ILE A 243 -26.70 27.19 -13.58
C ILE A 243 -27.77 28.21 -13.49
N GLU A 244 -27.47 29.50 -13.56
CA GLU A 244 -28.54 30.49 -13.44
C GLU A 244 -29.35 30.23 -12.17
N GLU A 245 -28.74 30.38 -10.99
CA GLU A 245 -27.71 31.35 -10.75
C GLU A 245 -26.37 30.79 -10.98
N GLN A 246 -25.73 31.18 -12.08
CA GLN A 246 -26.27 32.20 -13.00
C GLN A 246 -25.70 32.21 -14.43
N GLN A 247 -26.30 33.09 -15.25
CA GLN A 247 -25.72 33.69 -16.44
C GLN A 247 -24.94 34.87 -15.91
N LYS A 248 -23.77 34.56 -15.39
CA LYS A 248 -22.78 35.55 -15.03
C LYS A 248 -21.57 34.79 -15.48
N PRO A 249 -20.66 35.43 -16.18
CA PRO A 249 -19.57 34.59 -16.69
C PRO A 249 -18.57 34.46 -15.57
N LEU A 250 -19.12 33.95 -14.47
CA LEU A 250 -18.36 33.40 -13.38
C LEU A 250 -17.49 34.48 -12.77
N THR A 251 -16.63 34.02 -11.88
CA THR A 251 -15.60 34.83 -11.30
C THR A 251 -14.30 34.41 -11.97
N ASP A 252 -13.27 34.26 -11.16
CA ASP A 252 -12.15 33.42 -11.45
C ASP A 252 -12.09 32.32 -10.44
N SER A 253 -12.68 32.56 -9.29
CA SER A 253 -12.67 31.56 -8.25
C SER A 253 -13.42 30.41 -8.79
N GLN A 254 -14.46 30.69 -9.53
CA GLN A 254 -15.06 29.68 -10.36
C GLN A 254 -14.20 29.19 -11.51
N ARG A 255 -13.62 30.12 -12.28
CA ARG A 255 -12.75 29.74 -13.39
C ARG A 255 -11.48 29.00 -12.96
N VAL A 256 -10.86 29.45 -11.88
CA VAL A 256 -9.69 28.80 -11.33
C VAL A 256 -9.87 27.36 -10.83
N LYS A 257 -11.02 27.13 -10.20
CA LYS A 257 -11.36 25.88 -9.53
C LYS A 257 -11.89 24.88 -10.56
N PHE A 258 -12.85 25.33 -11.37
CA PHE A 258 -13.38 24.50 -12.44
C PHE A 258 -12.27 24.03 -13.39
N THR A 259 -11.36 24.94 -13.71
CA THR A 259 -10.22 24.63 -14.57
C THR A 259 -9.34 23.56 -13.92
N LYS A 260 -9.12 23.67 -12.62
CA LYS A 260 -8.33 22.68 -11.90
C LYS A 260 -9.03 21.32 -11.92
N GLU A 261 -10.36 21.33 -11.87
CA GLU A 261 -11.12 20.08 -11.82
C GLU A 261 -11.21 19.36 -13.17
N ILE A 262 -11.37 20.12 -14.25
CA ILE A 262 -11.64 19.51 -15.55
C ILE A 262 -10.40 19.32 -16.44
N LYS A 263 -9.30 19.96 -16.10
CA LYS A 263 -8.08 19.87 -16.92
C LYS A 263 -7.50 18.46 -16.92
N GLY A 264 -7.19 17.96 -18.11
CA GLY A 264 -6.63 16.63 -18.26
C GLY A 264 -7.71 15.58 -18.45
N LEU A 265 -8.95 15.95 -18.21
CA LEU A 265 -10.07 15.04 -18.36
C LEU A 265 -10.59 15.03 -19.80
N LYS A 266 -11.11 13.89 -20.23
CA LYS A 266 -11.60 13.74 -21.59
C LYS A 266 -13.07 14.17 -21.72
N VAL A 267 -13.40 14.80 -22.84
CA VAL A 267 -14.75 15.23 -23.13
C VAL A 267 -15.15 14.84 -24.55
N GLU A 268 -16.42 14.48 -24.73
CA GLU A 268 -16.91 14.07 -26.04
C GLU A 268 -18.02 14.99 -26.56
N ILE A 269 -18.24 14.97 -27.86
CA ILE A 269 -19.28 15.80 -28.47
C ILE A 269 -20.46 14.94 -28.90
N LYS A 276 -19.26 11.63 -31.11
CA LYS A 276 -18.41 10.83 -31.98
C LYS A 276 -16.94 11.14 -31.76
N ARG A 277 -16.63 12.42 -31.54
CA ARG A 277 -15.25 12.86 -31.37
C ARG A 277 -14.92 13.15 -29.89
N LYS A 278 -13.85 12.54 -29.41
CA LYS A 278 -13.38 12.77 -28.04
C LYS A 278 -12.20 13.73 -28.06
N TYR A 279 -11.89 14.32 -26.91
CA TYR A 279 -10.77 15.25 -26.80
C TYR A 279 -10.29 15.26 -25.36
N ARG A 280 -9.06 15.73 -25.14
CA ARG A 280 -8.58 15.92 -23.79
C ARG A 280 -8.48 17.39 -23.44
N VAL A 281 -9.21 17.80 -22.41
CA VAL A 281 -9.21 19.19 -21.97
C VAL A 281 -7.85 19.61 -21.46
N CYS A 282 -7.20 20.52 -22.17
CA CYS A 282 -5.88 21.00 -21.76
C CYS A 282 -5.97 22.38 -21.09
N ASN A 283 -7.02 23.13 -21.41
CA ASN A 283 -7.20 24.44 -20.78
C ASN A 283 -8.67 24.91 -20.73
N VAL A 284 -8.91 25.97 -19.97
CA VAL A 284 -10.21 26.62 -19.95
C VAL A 284 -10.03 28.11 -20.26
N THR A 285 -10.72 28.59 -21.29
CA THR A 285 -10.56 29.97 -21.74
C THR A 285 -10.92 30.99 -20.68
N ARG A 286 -10.38 32.19 -20.83
CA ARG A 286 -10.68 33.29 -19.93
C ARG A 286 -11.93 34.04 -20.38
N ARG A 287 -12.12 34.09 -21.69
CA ARG A 287 -13.24 34.81 -22.28
C ARG A 287 -14.45 33.91 -22.53
N PRO A 288 -15.66 34.48 -22.43
CA PRO A 288 -16.91 33.76 -22.72
C PRO A 288 -16.97 33.30 -24.18
N ALA A 289 -17.86 32.37 -24.47
CA ALA A 289 -18.03 31.85 -25.83
C ALA A 289 -18.44 32.94 -26.81
N SER A 290 -19.17 33.92 -26.30
CA SER A 290 -19.64 35.04 -27.11
C SER A 290 -18.49 35.93 -27.59
N HIS A 291 -17.40 35.95 -26.82
CA HIS A 291 -16.29 36.85 -27.11
C HIS A 291 -15.01 36.15 -27.53
N GLN A 292 -14.81 34.93 -27.03
CA GLN A 292 -13.60 34.16 -27.32
C GLN A 292 -13.39 33.97 -28.82
N THR A 293 -12.24 34.42 -29.31
CA THR A 293 -12.00 34.52 -30.74
C THR A 293 -10.87 33.62 -31.25
N PHE A 294 -11.09 32.99 -32.40
CA PHE A 294 -10.06 32.20 -33.06
C PHE A 294 -9.95 32.64 -34.53
N PRO A 295 -8.75 32.50 -35.12
CA PRO A 295 -8.57 32.85 -36.53
C PRO A 295 -9.20 31.80 -37.47
N LEU A 296 -10.09 32.25 -38.34
CA LEU A 296 -10.78 31.35 -39.26
C LEU A 296 -10.11 31.36 -40.64
N VAL A 304 -8.69 35.89 -41.20
CA VAL A 304 -9.79 36.53 -40.50
C VAL A 304 -10.02 35.88 -39.13
N GLU A 305 -10.58 36.63 -38.20
CA GLU A 305 -10.83 36.14 -36.85
C GLU A 305 -12.33 36.01 -36.60
N CYS A 306 -12.73 34.99 -35.83
CA CYS A 306 -14.14 34.76 -35.54
C CYS A 306 -14.35 34.25 -34.12
N THR A 307 -15.52 34.54 -33.56
CA THR A 307 -15.85 34.11 -32.20
C THR A 307 -16.51 32.74 -32.17
N VAL A 308 -16.40 32.06 -31.04
CA VAL A 308 -16.87 30.69 -30.89
C VAL A 308 -18.39 30.57 -31.01
N ALA A 309 -19.12 31.33 -30.21
CA ALA A 309 -20.58 31.30 -30.21
C ALA A 309 -21.16 31.69 -31.57
N GLN A 310 -20.36 32.41 -32.36
CA GLN A 310 -20.78 32.79 -33.70
C GLN A 310 -20.45 31.68 -34.70
N TYR A 311 -19.28 31.07 -34.54
CA TYR A 311 -18.87 29.96 -35.39
C TYR A 311 -19.83 28.77 -35.27
N PHE A 312 -20.29 28.50 -34.06
CA PHE A 312 -21.24 27.42 -33.83
C PHE A 312 -22.64 27.80 -34.29
N LYS A 313 -22.86 29.09 -34.55
CA LYS A 313 -24.13 29.57 -35.08
C LYS A 313 -24.12 29.52 -36.61
N ASP A 314 -22.92 29.65 -37.19
CA ASP A 314 -22.79 29.65 -38.64
C ASP A 314 -22.60 28.25 -39.21
N ARG A 315 -21.46 27.63 -38.90
CA ARG A 315 -21.11 26.33 -39.48
C ARG A 315 -21.92 25.17 -38.89
N HIS A 316 -22.29 25.27 -37.62
CA HIS A 316 -22.97 24.17 -36.94
C HIS A 316 -24.45 24.45 -36.67
N LYS A 317 -24.90 25.66 -36.99
CA LYS A 317 -26.31 26.03 -36.88
C LYS A 317 -26.87 25.88 -35.47
N LEU A 318 -26.07 26.21 -34.46
CA LEU A 318 -26.49 26.08 -33.07
C LEU A 318 -26.40 27.40 -32.33
N VAL A 319 -27.35 27.65 -31.42
CA VAL A 319 -27.36 28.87 -30.63
C VAL A 319 -27.14 28.57 -29.15
N LEU A 320 -26.06 29.10 -28.60
CA LEU A 320 -25.67 28.84 -27.23
C LEU A 320 -26.70 29.29 -26.20
N ARG A 321 -27.16 28.37 -25.37
CA ARG A 321 -28.06 28.71 -24.27
C ARG A 321 -27.25 29.35 -23.15
N TYR A 322 -25.99 28.95 -23.04
CA TYR A 322 -25.08 29.51 -22.04
C TYR A 322 -23.81 30.03 -22.69
N PRO A 323 -23.90 31.20 -23.34
CA PRO A 323 -22.76 31.81 -24.04
C PRO A 323 -21.82 32.52 -23.09
N HIS A 324 -22.36 33.03 -21.98
CA HIS A 324 -21.57 33.76 -21.00
C HIS A 324 -20.50 32.88 -20.36
N LEU A 325 -20.77 31.59 -20.31
CA LEU A 325 -19.82 30.63 -19.75
C LEU A 325 -18.63 30.42 -20.70
N PRO A 326 -17.45 30.12 -20.14
CA PRO A 326 -16.22 29.96 -20.92
C PRO A 326 -16.25 28.78 -21.88
N CYS A 327 -15.10 28.50 -22.49
CA CYS A 327 -14.94 27.36 -23.39
C CYS A 327 -13.77 26.49 -22.97
N LEU A 328 -13.80 25.23 -23.38
CA LEU A 328 -12.72 24.30 -23.13
C LEU A 328 -11.76 24.32 -24.31
N GLN A 329 -10.49 24.64 -24.04
CA GLN A 329 -9.45 24.45 -25.05
C GLN A 329 -8.97 23.01 -24.98
N VAL A 330 -9.21 22.26 -26.06
CA VAL A 330 -8.95 20.83 -26.07
C VAL A 330 -7.84 20.46 -27.06
N GLY A 331 -7.31 19.25 -26.91
CA GLY A 331 -6.24 18.77 -27.76
C GLY A 331 -4.89 19.32 -27.33
N GLN A 332 -4.09 19.75 -28.31
CA GLN A 332 -2.81 20.37 -28.05
C GLN A 332 -3.03 21.71 -27.34
N GLU A 333 -2.20 21.99 -26.37
CA GLU A 333 -2.18 23.32 -25.93
C GLU A 333 -1.70 24.03 -27.18
N GLN A 334 -0.68 23.49 -27.84
CA GLN A 334 -0.15 24.12 -29.06
C GLN A 334 -1.25 24.07 -30.15
N LYS A 335 -1.42 25.17 -30.90
CA LYS A 335 -2.56 25.37 -31.83
C LYS A 335 -3.77 25.89 -31.13
N HIS A 336 -4.94 25.84 -31.76
CA HIS A 336 -6.16 26.10 -31.05
C HIS A 336 -7.30 25.26 -31.43
N THR A 337 -8.17 25.04 -30.45
CA THR A 337 -9.57 24.80 -30.60
C THR A 337 -10.31 25.08 -29.33
N TYR A 338 -11.56 25.37 -29.48
CA TYR A 338 -12.38 25.75 -28.34
C TYR A 338 -13.81 25.22 -28.45
N LEU A 339 -14.22 24.42 -27.45
CA LEU A 339 -15.55 23.82 -27.43
C LEU A 339 -16.40 24.38 -26.29
N PRO A 340 -17.64 24.78 -26.58
CA PRO A 340 -18.56 25.24 -25.54
C PRO A 340 -18.88 24.13 -24.52
N LEU A 341 -19.16 24.52 -23.29
CA LEU A 341 -19.44 23.57 -22.22
C LEU A 341 -20.73 22.79 -22.49
N GLU A 342 -21.64 23.42 -23.21
CA GLU A 342 -22.98 22.88 -23.45
C GLU A 342 -23.00 21.72 -24.44
N VAL A 343 -21.99 21.64 -25.29
CA VAL A 343 -21.91 20.57 -26.29
C VAL A 343 -20.89 19.51 -25.90
N CYS A 344 -20.43 19.54 -24.65
CA CYS A 344 -19.42 18.61 -24.18
C CYS A 344 -19.93 17.74 -23.03
N ASN A 345 -19.61 16.45 -23.09
CA ASN A 345 -19.93 15.51 -22.02
C ASN A 345 -18.66 14.85 -21.49
N ILE A 346 -18.64 14.50 -20.25
CA ILE A 346 -17.51 13.80 -19.73
C ILE A 346 -17.54 12.43 -20.37
N VAL A 347 -16.42 11.73 -20.28
CA VAL A 347 -16.33 10.46 -20.92
C VAL A 347 -16.24 9.33 -19.92
N ALA A 348 -17.18 8.43 -20.02
CA ALA A 348 -16.93 7.06 -20.14
C ALA A 348 -15.93 6.58 -19.12
N GLY A 349 -16.22 6.78 -17.86
CA GLY A 349 -15.40 6.16 -16.83
C GLY A 349 -13.91 6.43 -16.80
N GLN A 350 -13.53 7.67 -16.56
CA GLN A 350 -12.14 7.99 -16.38
C GLN A 350 -11.79 7.96 -14.91
N ARG A 351 -10.82 7.14 -14.56
CA ARG A 351 -10.44 6.92 -13.19
C ARG A 351 -10.00 8.25 -12.78
N CYS A 352 -10.21 8.61 -11.53
CA CYS A 352 -9.90 9.92 -11.11
C CYS A 352 -8.75 9.82 -10.19
N ILE A 353 -7.53 10.01 -10.71
CA ILE A 353 -6.31 9.97 -9.92
C ILE A 353 -6.33 11.01 -8.82
N LYS A 354 -6.80 12.20 -9.13
CA LYS A 354 -6.69 13.21 -8.08
C LYS A 354 -7.16 12.69 -6.72
N LYS A 355 -6.67 13.32 -5.66
CA LYS A 355 -7.02 12.92 -4.30
C LYS A 355 -8.47 13.30 -3.97
N LEU A 356 -9.17 12.40 -3.30
CA LEU A 356 -10.55 12.66 -2.88
C LEU A 356 -10.58 13.66 -1.73
N THR A 357 -11.60 14.52 -1.73
CA THR A 357 -11.78 15.46 -0.63
C THR A 357 -12.15 14.70 0.64
N ASP A 358 -12.08 15.38 1.78
CA ASP A 358 -12.38 14.76 3.07
C ASP A 358 -13.78 14.18 3.07
N ASN A 359 -14.74 14.96 2.58
CA ASN A 359 -16.13 14.51 2.51
C ASN A 359 -16.34 13.37 1.52
N GLN A 360 -15.72 13.49 0.34
CA GLN A 360 -15.76 12.41 -0.66
C GLN A 360 -15.18 11.14 -0.07
N THR A 361 -14.03 11.25 0.59
CA THR A 361 -13.38 10.12 1.24
C THR A 361 -14.33 9.49 2.24
N SER A 362 -14.93 10.31 3.10
CA SER A 362 -15.89 9.81 4.09
C SER A 362 -17.03 9.03 3.43
N THR A 363 -17.55 9.57 2.34
CA THR A 363 -18.62 8.92 1.59
C THR A 363 -18.19 7.56 1.05
N MET A 364 -17.00 7.53 0.44
CA MET A 364 -16.44 6.29 -0.11
C MET A 364 -16.28 5.23 0.97
N ILE A 365 -15.71 5.64 2.10
CA ILE A 365 -15.55 4.77 3.27
C ILE A 365 -16.89 4.18 3.67
N ARG A 366 -17.87 5.07 3.84
CA ARG A 366 -19.21 4.67 4.26
C ARG A 366 -19.83 3.69 3.27
N ALA A 367 -19.50 3.85 1.99
CA ALA A 367 -20.09 3.05 0.94
C ALA A 367 -19.45 1.65 0.81
N THR A 368 -18.15 1.56 1.03
CA THR A 368 -17.42 0.32 0.76
C THR A 368 -17.04 -0.47 2.02
N ALA A 369 -17.39 0.06 3.19
CA ALA A 369 -17.09 -0.63 4.44
C ALA A 369 -17.98 -1.85 4.63
N ARG A 370 -17.39 -3.00 4.94
CA ARG A 370 -18.14 -4.21 5.14
C ARG A 370 -17.42 -5.12 6.09
N SER A 371 -18.11 -5.90 6.90
CA SER A 371 -17.52 -6.90 7.79
C SER A 371 -17.00 -8.09 6.98
N ALA A 372 -16.22 -8.93 7.63
CA ALA A 372 -15.68 -10.13 6.98
C ALA A 372 -16.75 -11.05 6.40
N PRO A 373 -17.84 -11.30 7.15
CA PRO A 373 -18.93 -12.07 6.51
C PRO A 373 -19.52 -11.36 5.29
N ASP A 374 -19.80 -10.06 5.41
CA ASP A 374 -20.37 -9.31 4.30
C ASP A 374 -19.44 -9.29 3.09
N ARG A 375 -18.15 -9.11 3.35
CA ARG A 375 -17.12 -9.19 2.32
C ARG A 375 -17.18 -10.54 1.61
N GLN A 376 -17.15 -11.60 2.42
CA GLN A 376 -17.21 -12.97 1.94
C GLN A 376 -18.39 -13.19 1.00
N GLU A 377 -19.56 -12.75 1.46
CA GLU A 377 -20.79 -12.92 0.69
C GLU A 377 -20.76 -12.14 -0.61
N GLU A 378 -20.25 -10.90 -0.55
CA GLU A 378 -20.15 -10.07 -1.75
C GLU A 378 -19.26 -10.75 -2.79
N ILE A 379 -18.09 -11.24 -2.35
CA ILE A 379 -17.19 -11.95 -3.25
C ILE A 379 -17.88 -13.17 -3.85
N SER A 380 -18.51 -13.99 -3.01
CA SER A 380 -19.19 -15.20 -3.48
C SER A 380 -20.26 -14.91 -4.53
N LYS A 381 -21.17 -13.99 -4.22
CA LYS A 381 -22.24 -13.67 -5.16
C LYS A 381 -21.69 -13.03 -6.42
N LEU A 382 -20.58 -12.31 -6.28
CA LEU A 382 -19.88 -11.79 -7.46
C LEU A 382 -19.45 -12.94 -8.34
N MET A 383 -18.84 -13.96 -7.76
CA MET A 383 -18.40 -15.11 -8.54
C MET A 383 -19.56 -15.90 -9.14
N ARG A 384 -20.70 -15.89 -8.48
CA ARG A 384 -21.89 -16.52 -9.04
C ARG A 384 -22.39 -15.75 -10.26
N SER A 385 -22.51 -14.43 -10.11
CA SER A 385 -23.04 -13.58 -11.17
C SER A 385 -22.12 -13.50 -12.38
N ALA A 386 -20.81 -13.53 -12.15
CA ALA A 386 -19.82 -13.42 -13.21
C ALA A 386 -19.97 -14.54 -14.24
N ASP A 387 -20.17 -15.77 -13.76
CA ASP A 387 -20.38 -16.94 -14.62
C ASP A 387 -19.24 -17.10 -15.61
N PHE A 388 -18.03 -17.33 -15.09
CA PHE A 388 -16.84 -17.45 -15.92
C PHE A 388 -16.90 -18.61 -16.89
N ASN A 389 -17.63 -19.66 -16.54
CA ASN A 389 -17.69 -20.85 -17.37
C ASN A 389 -18.50 -20.67 -18.67
N THR A 390 -19.21 -19.55 -18.77
CA THR A 390 -19.96 -19.25 -19.99
C THR A 390 -19.21 -18.25 -20.87
N ASP A 391 -18.11 -17.71 -20.33
CA ASP A 391 -17.21 -16.87 -21.11
C ASP A 391 -16.71 -17.67 -22.30
N PRO A 392 -17.05 -17.20 -23.52
CA PRO A 392 -16.69 -17.91 -24.76
C PRO A 392 -15.19 -18.15 -24.90
N TYR A 393 -14.39 -17.26 -24.34
CA TYR A 393 -12.94 -17.35 -24.47
C TYR A 393 -12.31 -18.37 -23.54
N VAL A 394 -12.78 -18.44 -22.29
CA VAL A 394 -12.29 -19.47 -21.37
C VAL A 394 -12.90 -20.82 -21.78
N ARG A 395 -14.00 -20.76 -22.52
CA ARG A 395 -14.62 -21.95 -23.07
C ARG A 395 -13.77 -22.47 -24.22
N GLU A 396 -13.23 -21.55 -25.00
CA GLU A 396 -12.36 -21.89 -26.12
C GLU A 396 -11.12 -22.63 -25.66
N PHE A 397 -10.63 -22.27 -24.47
CA PHE A 397 -9.41 -22.88 -23.93
C PHE A 397 -9.71 -24.00 -22.92
N GLY A 398 -10.94 -24.49 -22.94
CA GLY A 398 -11.33 -25.63 -22.12
C GLY A 398 -11.17 -25.45 -20.62
N ILE A 399 -11.24 -24.21 -20.18
CA ILE A 399 -10.99 -23.88 -18.77
C ILE A 399 -12.27 -23.86 -17.94
N MET A 400 -12.24 -24.55 -16.81
CA MET A 400 -13.36 -24.55 -15.87
C MET A 400 -12.97 -23.79 -14.59
N VAL A 401 -13.92 -23.04 -14.04
CA VAL A 401 -13.70 -22.31 -12.79
C VAL A 401 -14.76 -22.65 -11.76
N LYS A 402 -14.34 -23.28 -10.66
CA LYS A 402 -15.26 -23.63 -9.57
C LYS A 402 -15.80 -22.36 -8.91
N ASP A 403 -17.12 -22.29 -8.77
CA ASP A 403 -17.76 -21.07 -8.27
C ASP A 403 -17.83 -20.99 -6.75
N GLU A 404 -16.99 -21.77 -6.06
CA GLU A 404 -16.96 -21.77 -4.61
C GLU A 404 -15.57 -21.47 -4.06
N MET A 405 -15.54 -20.67 -2.99
CA MET A 405 -14.28 -20.35 -2.32
C MET A 405 -13.57 -21.61 -1.89
N THR A 406 -12.25 -21.61 -1.96
CA THR A 406 -11.50 -22.81 -1.63
C THR A 406 -11.49 -23.07 -0.12
N ASP A 407 -11.73 -24.31 0.27
CA ASP A 407 -11.63 -24.68 1.68
C ASP A 407 -10.17 -24.91 2.02
N VAL A 408 -9.72 -24.29 3.10
CA VAL A 408 -8.33 -24.40 3.53
C VAL A 408 -8.23 -24.45 5.05
N THR A 409 -7.41 -25.38 5.55
CA THR A 409 -7.21 -25.52 6.98
C THR A 409 -6.11 -24.60 7.47
N GLY A 410 -6.45 -23.75 8.44
CA GLY A 410 -5.46 -22.89 9.05
C GLY A 410 -5.06 -23.43 10.40
N ARG A 411 -3.98 -22.90 10.97
CA ARG A 411 -3.59 -23.25 12.32
C ARG A 411 -3.47 -21.98 13.15
N VAL A 412 -4.09 -21.97 14.32
CA VAL A 412 -4.04 -20.80 15.18
C VAL A 412 -2.89 -20.93 16.18
N LEU A 413 -1.79 -20.27 15.88
CA LEU A 413 -0.59 -20.34 16.70
C LEU A 413 -0.82 -19.77 18.09
N GLN A 414 -0.14 -20.34 19.08
CA GLN A 414 -0.26 -19.89 20.46
C GLN A 414 0.60 -18.65 20.65
N PRO A 415 0.01 -17.59 21.23
CA PRO A 415 0.73 -16.34 21.49
C PRO A 415 1.81 -16.54 22.55
N PRO A 416 2.90 -15.76 22.47
CA PRO A 416 3.95 -15.83 23.49
C PRO A 416 3.52 -15.11 24.76
N SER A 417 4.17 -15.40 25.87
CA SER A 417 3.91 -14.67 27.11
C SER A 417 4.77 -13.41 27.16
N ILE A 418 4.14 -12.30 27.52
CA ILE A 418 4.84 -11.02 27.55
C ILE A 418 5.33 -10.71 28.97
N LEU A 419 6.64 -10.81 29.17
CA LEU A 419 7.24 -10.64 30.48
C LEU A 419 7.47 -9.17 30.83
N TYR A 420 7.00 -8.77 32.01
CA TYR A 420 7.20 -7.42 32.49
C TYR A 420 8.25 -7.38 33.59
N GLY A 421 8.35 -6.25 34.28
CA GLY A 421 9.35 -6.06 35.30
C GLY A 421 8.80 -5.53 36.61
N GLY A 422 9.60 -4.73 37.29
CA GLY A 422 9.23 -4.21 38.60
C GLY A 422 9.43 -5.27 39.67
N ARG A 423 8.74 -5.12 40.79
CA ARG A 423 8.81 -6.11 41.86
C ARG A 423 8.16 -7.41 41.41
N ASN A 424 6.92 -7.31 40.95
CA ASN A 424 6.15 -8.47 40.51
C ASN A 424 6.82 -9.25 39.40
N LYS A 425 7.38 -8.53 38.43
CA LYS A 425 7.83 -9.11 37.17
C LYS A 425 6.70 -9.93 36.56
N ALA A 426 5.55 -9.27 36.40
CA ALA A 426 4.32 -9.91 35.97
C ALA A 426 4.40 -10.50 34.56
N ILE A 427 3.45 -11.36 34.25
CA ILE A 427 3.38 -11.99 32.94
C ILE A 427 2.03 -11.76 32.28
N ALA A 428 2.04 -11.13 31.11
CA ALA A 428 0.81 -10.86 30.37
C ALA A 428 0.56 -11.95 29.34
N THR A 429 -0.68 -12.43 29.28
CA THR A 429 -1.05 -13.48 28.35
C THR A 429 -2.01 -12.97 27.29
N PRO A 430 -1.50 -12.70 26.09
CA PRO A 430 -2.27 -12.17 24.95
C PRO A 430 -3.49 -13.04 24.68
N VAL A 431 -4.67 -12.45 24.80
CA VAL A 431 -5.91 -13.15 24.48
C VAL A 431 -6.54 -12.51 23.25
N GLN A 432 -6.63 -13.29 22.18
CA GLN A 432 -7.10 -12.80 20.89
C GLN A 432 -6.38 -11.53 20.45
N GLY A 433 -5.04 -11.59 20.44
CA GLY A 433 -4.21 -10.52 19.92
C GLY A 433 -4.09 -9.30 20.80
N VAL A 434 -4.66 -9.35 21.99
CA VAL A 434 -4.71 -8.17 22.86
C VAL A 434 -4.36 -8.49 24.32
N TRP A 435 -3.62 -7.59 24.95
CA TRP A 435 -3.45 -7.61 26.40
C TRP A 435 -3.37 -6.16 26.90
N ASP A 436 -3.14 -5.99 28.20
CA ASP A 436 -3.03 -4.64 28.75
C ASP A 436 -1.94 -4.53 29.82
N MET A 437 -1.80 -3.34 30.39
CA MET A 437 -0.70 -3.05 31.32
C MET A 437 -1.15 -2.79 32.75
N ARG A 438 -2.44 -2.96 33.02
CA ARG A 438 -2.97 -2.76 34.37
C ARG A 438 -2.27 -3.71 35.33
N ASN A 439 -1.74 -3.15 36.42
CA ASN A 439 -0.97 -3.92 37.41
C ASN A 439 0.30 -4.53 36.84
N LYS A 440 0.82 -3.95 35.77
CA LYS A 440 2.09 -4.38 35.19
C LYS A 440 3.08 -3.22 35.23
N GLN A 441 4.37 -3.54 35.36
CA GLN A 441 5.40 -2.51 35.32
C GLN A 441 6.42 -2.82 34.24
N PHE A 442 6.92 -1.77 33.57
CA PHE A 442 7.90 -1.91 32.51
C PHE A 442 9.07 -2.79 32.93
N HIS A 443 9.53 -3.63 32.00
CA HIS A 443 10.69 -4.48 32.23
C HIS A 443 11.86 -3.64 32.73
N THR A 444 12.09 -2.51 32.06
CA THR A 444 13.08 -1.53 32.49
C THR A 444 12.51 -0.14 32.25
N GLY A 445 11.98 0.47 33.32
CA GLY A 445 11.34 1.77 33.21
C GLY A 445 12.28 2.92 33.52
N ILE A 446 12.26 3.93 32.65
CA ILE A 446 13.13 5.09 32.80
C ILE A 446 12.64 6.03 33.90
N GLU A 447 13.56 6.41 34.79
CA GLU A 447 13.25 7.34 35.85
C GLU A 447 13.38 8.78 35.35
N ILE A 448 12.24 9.45 35.18
CA ILE A 448 12.23 10.80 34.63
C ILE A 448 12.42 11.85 35.73
N LYS A 449 13.61 12.42 35.79
CA LYS A 449 13.95 13.40 36.81
C LYS A 449 13.83 14.82 36.26
N VAL A 450 14.30 15.04 35.04
CA VAL A 450 14.27 16.36 34.42
C VAL A 450 13.49 16.37 33.11
N TRP A 451 12.44 17.19 33.05
CA TRP A 451 11.61 17.27 31.87
C TRP A 451 10.92 18.63 31.74
N ALA A 452 10.50 18.97 30.52
CA ALA A 452 9.88 20.27 30.27
C ALA A 452 8.56 20.14 29.53
N ILE A 453 7.77 21.22 29.54
CA ILE A 453 6.50 21.25 28.83
C ILE A 453 6.36 22.51 27.98
N ALA A 454 6.26 22.32 26.66
CA ALA A 454 6.11 23.43 25.73
C ALA A 454 4.73 23.39 25.08
N CYS A 455 3.92 24.39 25.35
CA CYS A 455 2.58 24.44 24.77
C CYS A 455 2.48 25.49 23.67
N PHE A 456 2.22 25.03 22.45
CA PHE A 456 2.09 25.92 21.30
C PHE A 456 0.62 26.15 20.98
N ALA A 457 -0.25 25.70 21.88
CA ALA A 457 -1.68 25.96 21.78
C ALA A 457 -2.00 27.23 22.54
N PRO A 458 -2.98 28.02 22.03
CA PRO A 458 -3.40 29.26 22.67
C PRO A 458 -3.77 29.03 24.14
N GLN A 459 -3.22 29.86 25.02
CA GLN A 459 -3.43 29.69 26.46
C GLN A 459 -4.92 29.74 26.84
N ARG A 460 -5.71 30.46 26.05
CA ARG A 460 -7.15 30.53 26.26
C ARG A 460 -7.78 29.15 26.15
N GLN A 461 -7.28 28.34 25.22
CA GLN A 461 -7.79 26.99 25.01
C GLN A 461 -7.08 25.98 25.90
N CYS A 462 -5.75 26.11 25.99
CA CYS A 462 -4.96 25.23 26.85
C CYS A 462 -4.41 26.00 28.05
N THR A 463 -5.10 25.88 29.18
CA THR A 463 -4.75 26.64 30.37
C THR A 463 -3.77 25.89 31.27
N GLU A 464 -3.20 26.60 32.24
CA GLU A 464 -2.25 26.00 33.17
C GLU A 464 -2.93 25.00 34.09
N VAL A 465 -4.25 25.12 34.23
CA VAL A 465 -5.04 24.15 34.98
C VAL A 465 -5.11 22.83 34.21
N HIS A 466 -5.40 22.93 32.91
CA HIS A 466 -5.42 21.77 32.04
C HIS A 466 -4.07 21.05 32.09
N LEU A 467 -3.00 21.83 31.95
CA LEU A 467 -1.65 21.29 32.00
C LEU A 467 -1.36 20.64 33.34
N LYS A 468 -1.82 21.27 34.42
CA LYS A 468 -1.61 20.76 35.77
C LYS A 468 -2.27 19.40 35.96
N SER A 469 -3.57 19.34 35.69
CA SER A 469 -4.34 18.10 35.86
C SER A 469 -3.82 16.98 34.96
N PHE A 470 -3.54 17.34 33.70
CA PHE A 470 -2.96 16.41 32.76
C PHE A 470 -1.65 15.84 33.30
N THR A 471 -0.83 16.73 33.86
CA THR A 471 0.43 16.33 34.46
C THR A 471 0.21 15.37 35.63
N GLU A 472 -0.78 15.67 36.47
CA GLU A 472 -1.09 14.82 37.61
C GLU A 472 -1.48 13.41 37.16
N GLN A 473 -2.44 13.33 36.24
CA GLN A 473 -2.87 12.05 35.71
C GLN A 473 -1.73 11.27 35.06
N LEU A 474 -0.95 11.97 34.24
CA LEU A 474 0.18 11.37 33.57
C LEU A 474 1.17 10.80 34.57
N ARG A 475 1.46 11.56 35.62
CA ARG A 475 2.39 11.12 36.66
C ARG A 475 1.85 9.89 37.39
N LYS A 476 0.54 9.85 37.61
CA LYS A 476 -0.07 8.70 38.25
C LYS A 476 0.05 7.44 37.40
N ILE A 477 -0.43 7.51 36.16
CA ILE A 477 -0.37 6.38 35.24
C ILE A 477 1.08 5.91 35.02
N SER A 478 1.99 6.88 34.90
CA SER A 478 3.40 6.58 34.65
C SER A 478 4.04 5.94 35.87
N ARG A 479 3.62 6.36 37.05
CA ARG A 479 4.10 5.76 38.28
C ARG A 479 3.62 4.31 38.36
N ASP A 480 2.37 4.09 37.98
CA ASP A 480 1.81 2.73 37.98
C ASP A 480 2.54 1.82 37.01
N ALA A 481 3.00 2.40 35.90
CA ALA A 481 3.65 1.63 34.84
C ALA A 481 5.13 1.38 35.12
N GLY A 482 5.64 1.99 36.18
CA GLY A 482 7.03 1.82 36.55
C GLY A 482 7.94 2.87 35.95
N MET A 483 7.35 3.91 35.38
CA MET A 483 8.11 5.02 34.82
C MET A 483 7.81 6.28 35.64
N PRO A 484 8.49 6.43 36.78
CA PRO A 484 8.17 7.52 37.71
C PRO A 484 8.64 8.89 37.23
N ILE A 485 7.69 9.77 36.91
CA ILE A 485 7.97 11.17 36.68
C ILE A 485 8.06 11.82 38.05
N GLN A 486 9.26 11.82 38.63
CA GLN A 486 9.45 12.12 40.04
C GLN A 486 9.37 13.60 40.42
N GLY A 487 9.29 14.47 39.43
CA GLY A 487 9.24 15.90 39.71
C GLY A 487 8.20 16.65 38.91
N GLN A 488 8.05 17.93 39.22
CA GLN A 488 7.26 18.84 38.41
C GLN A 488 8.18 19.26 37.27
N PRO A 489 7.61 19.69 36.12
CA PRO A 489 8.49 20.12 35.04
C PRO A 489 9.34 21.31 35.46
N CYS A 490 10.65 21.21 35.23
CA CYS A 490 11.58 22.28 35.55
C CYS A 490 11.33 23.51 34.69
N PHE A 491 10.52 23.33 33.66
CA PHE A 491 10.21 24.39 32.72
C PHE A 491 8.78 24.25 32.19
N CYS A 492 8.08 25.37 32.08
CA CYS A 492 6.73 25.39 31.53
C CYS A 492 6.44 26.76 30.94
N LYS A 493 6.35 26.82 29.61
CA LYS A 493 6.14 28.11 28.94
C LYS A 493 5.39 27.96 27.62
N TYR A 494 4.39 28.83 27.42
CA TYR A 494 3.63 28.86 26.18
C TYR A 494 4.42 29.53 25.06
N ALA A 495 4.05 29.22 23.82
CA ALA A 495 4.67 29.84 22.64
C ALA A 495 3.74 29.71 21.45
N GLN A 496 4.09 30.36 20.35
CA GLN A 496 3.27 30.33 19.14
C GLN A 496 4.11 30.41 17.86
N GLY A 497 3.65 29.73 16.82
CA GLY A 497 4.36 29.72 15.54
C GLY A 497 5.53 28.77 15.53
N ALA A 498 5.98 28.39 14.34
CA ALA A 498 7.12 27.50 14.19
C ALA A 498 8.42 28.20 14.58
N ASP A 499 8.46 29.51 14.34
CA ASP A 499 9.66 30.30 14.59
C ASP A 499 10.12 30.25 16.05
N SER A 500 9.18 29.96 16.95
CA SER A 500 9.47 29.93 18.37
C SER A 500 10.05 28.58 18.82
N VAL A 501 10.02 27.59 17.93
CA VAL A 501 10.47 26.24 18.27
C VAL A 501 11.96 26.15 18.57
N GLU A 502 12.79 26.38 17.57
CA GLU A 502 14.24 26.27 17.73
C GLU A 502 14.85 27.07 18.89
N PRO A 503 14.50 28.36 19.03
CA PRO A 503 15.06 29.11 20.16
C PRO A 503 14.64 28.54 21.51
N MET A 504 13.39 28.12 21.63
CA MET A 504 12.89 27.54 22.87
C MET A 504 13.63 26.25 23.22
N PHE A 505 13.81 25.39 22.22
CA PHE A 505 14.51 24.12 22.43
C PHE A 505 15.99 24.36 22.72
N ARG A 506 16.58 25.33 22.05
CA ARG A 506 17.99 25.67 22.26
C ARG A 506 18.22 26.18 23.68
N HIS A 507 17.24 26.89 24.22
CA HIS A 507 17.31 27.33 25.60
C HIS A 507 17.25 26.12 26.53
N LEU A 508 16.27 25.26 26.29
CA LEU A 508 16.05 24.07 27.12
C LEU A 508 17.28 23.17 27.21
N LYS A 509 17.96 22.98 26.08
CA LYS A 509 19.16 22.15 26.08
C LYS A 509 20.28 22.80 26.88
N ASN A 510 20.34 24.13 26.85
CA ASN A 510 21.44 24.86 27.49
C ASN A 510 21.18 25.20 28.96
N THR A 511 19.92 25.15 29.39
CA THR A 511 19.55 25.60 30.72
C THR A 511 19.49 24.47 31.75
N TYR A 512 18.88 23.35 31.36
CA TYR A 512 18.63 22.27 32.30
C TYR A 512 19.51 21.04 32.06
N ALA A 513 20.48 20.84 32.94
CA ALA A 513 21.38 19.70 32.84
C ALA A 513 20.63 18.40 33.08
N GLY A 514 20.89 17.40 32.25
CA GLY A 514 20.25 16.11 32.38
C GLY A 514 18.80 16.13 31.92
N LEU A 515 18.47 17.07 31.05
CA LEU A 515 17.12 17.15 30.49
C LEU A 515 16.83 15.91 29.65
N GLN A 516 15.79 15.18 30.02
CA GLN A 516 15.50 13.89 29.41
C GLN A 516 14.43 13.98 28.32
N LEU A 517 13.51 14.93 28.48
CA LEU A 517 12.32 14.96 27.64
C LEU A 517 11.61 16.29 27.63
N VAL A 518 11.12 16.69 26.46
CA VAL A 518 10.23 17.83 26.34
C VAL A 518 8.89 17.38 25.77
N VAL A 519 7.84 17.55 26.55
CA VAL A 519 6.48 17.24 26.09
C VAL A 519 5.86 18.46 25.44
N VAL A 520 5.45 18.32 24.18
CA VAL A 520 4.94 19.45 23.42
C VAL A 520 3.46 19.32 23.10
N ILE A 521 2.66 20.27 23.58
CA ILE A 521 1.23 20.27 23.29
C ILE A 521 0.95 21.06 22.01
N LEU A 522 0.20 20.46 21.10
CA LEU A 522 -0.08 21.08 19.81
C LEU A 522 -1.59 21.29 19.61
N PRO A 523 -1.96 22.39 18.95
CA PRO A 523 -3.37 22.69 18.66
C PRO A 523 -3.83 22.03 17.37
N GLY A 524 -4.04 20.72 17.41
CA GLY A 524 -4.48 19.97 16.25
C GLY A 524 -3.39 19.85 15.19
N LYS A 525 -3.80 19.87 13.93
CA LYS A 525 -2.85 19.77 12.82
C LYS A 525 -2.15 21.09 12.57
N THR A 526 -0.83 21.10 12.64
CA THR A 526 -0.06 22.33 12.47
C THR A 526 1.32 22.03 11.89
N PRO A 527 1.86 22.98 11.10
CA PRO A 527 3.23 22.85 10.57
C PRO A 527 4.28 22.96 11.67
N VAL A 528 3.84 23.11 12.92
CA VAL A 528 4.75 23.17 14.05
C VAL A 528 5.31 21.79 14.38
N TYR A 529 4.51 20.74 14.17
CA TYR A 529 4.94 19.38 14.51
C TYR A 529 6.20 18.97 13.75
N ALA A 530 6.15 19.11 12.43
CA ALA A 530 7.28 18.77 11.58
C ALA A 530 8.52 19.56 11.99
N GLU A 531 8.30 20.78 12.45
CA GLU A 531 9.39 21.63 12.94
C GLU A 531 9.99 21.11 14.24
N VAL A 532 9.13 20.77 15.18
CA VAL A 532 9.53 20.20 16.46
C VAL A 532 10.38 18.96 16.22
N LYS A 533 9.93 18.12 15.28
CA LYS A 533 10.67 16.93 14.94
C LYS A 533 11.99 17.27 14.22
N ARG A 534 11.99 18.35 13.44
CA ARG A 534 13.21 18.74 12.74
C ARG A 534 14.29 19.17 13.73
N VAL A 535 13.93 20.10 14.62
CA VAL A 535 14.84 20.59 15.65
C VAL A 535 15.27 19.47 16.60
N GLY A 536 14.30 18.71 17.09
CA GLY A 536 14.56 17.66 18.05
C GLY A 536 15.38 16.50 17.49
N ASP A 537 14.96 15.96 16.36
CA ASP A 537 15.61 14.80 15.76
C ASP A 537 16.91 15.13 15.04
N THR A 538 16.88 16.19 14.22
CA THR A 538 18.01 16.46 13.32
C THR A 538 18.93 17.60 13.74
N VAL A 539 18.42 18.54 14.53
CA VAL A 539 19.18 19.75 14.85
C VAL A 539 19.78 19.75 16.25
N LEU A 540 18.99 19.39 17.24
CA LEU A 540 19.42 19.50 18.64
C LEU A 540 19.61 18.17 19.35
N GLY A 541 19.03 17.10 18.82
CA GLY A 541 19.16 15.79 19.42
C GLY A 541 18.43 15.67 20.74
N MET A 542 17.21 16.21 20.78
CA MET A 542 16.43 16.22 22.02
C MET A 542 15.18 15.34 21.91
N ALA A 543 14.91 14.58 22.97
CA ALA A 543 13.72 13.76 23.03
C ALA A 543 12.46 14.63 23.14
N THR A 544 11.55 14.49 22.18
CA THR A 544 10.30 15.24 22.20
C THR A 544 9.10 14.32 22.07
N GLN A 545 8.09 14.58 22.90
CA GLN A 545 6.85 13.81 22.84
C GLN A 545 5.67 14.77 22.65
N CYS A 546 5.09 14.74 21.46
CA CYS A 546 3.95 15.61 21.16
C CYS A 546 2.63 14.99 21.57
N VAL A 547 1.69 15.84 21.96
CA VAL A 547 0.35 15.40 22.31
C VAL A 547 -0.66 16.48 21.90
N GLN A 548 -1.70 16.08 21.19
CA GLN A 548 -2.75 17.01 20.78
C GLN A 548 -3.39 17.68 21.99
N MET A 549 -3.87 18.90 21.78
CA MET A 549 -4.49 19.68 22.84
C MET A 549 -5.70 18.97 23.45
N LYS A 550 -6.52 18.35 22.60
CA LYS A 550 -7.73 17.67 23.06
C LYS A 550 -7.43 16.49 23.98
N ASN A 551 -6.26 15.89 23.82
CA ASN A 551 -5.86 14.77 24.66
C ASN A 551 -5.27 15.25 25.98
N VAL A 552 -5.18 16.57 26.15
CA VAL A 552 -4.73 17.16 27.39
C VAL A 552 -5.94 17.63 28.19
N GLN A 553 -6.88 18.26 27.49
CA GLN A 553 -8.13 18.73 28.08
C GLN A 553 -8.93 17.57 28.66
N ARG A 554 -8.94 16.45 27.94
CA ARG A 554 -9.68 15.27 28.38
C ARG A 554 -8.80 14.02 28.32
N THR A 555 -8.26 13.62 29.45
CA THR A 555 -7.38 12.46 29.52
C THR A 555 -8.12 11.18 29.91
N THR A 556 -7.68 10.06 29.36
CA THR A 556 -8.21 8.75 29.72
C THR A 556 -7.03 7.83 30.01
N PRO A 557 -7.19 6.91 30.98
CA PRO A 557 -6.09 6.03 31.41
C PRO A 557 -5.45 5.24 30.26
N GLN A 558 -6.24 4.88 29.25
CA GLN A 558 -5.72 4.12 28.11
C GLN A 558 -4.77 4.97 27.27
N THR A 559 -5.25 6.15 26.88
CA THR A 559 -4.47 7.09 26.10
C THR A 559 -3.18 7.44 26.82
N LEU A 560 -3.29 7.75 28.11
CA LEU A 560 -2.14 8.06 28.95
C LEU A 560 -1.17 6.89 28.99
N SER A 561 -1.72 5.68 29.10
CA SER A 561 -0.90 4.47 29.14
C SER A 561 -0.08 4.32 27.87
N ASN A 562 -0.74 4.37 26.72
CA ASN A 562 -0.03 4.26 25.45
C ASN A 562 1.02 5.37 25.31
N LEU A 563 0.66 6.57 25.76
CA LEU A 563 1.57 7.70 25.76
C LEU A 563 2.83 7.37 26.57
N CYS A 564 2.64 6.70 27.69
CA CYS A 564 3.76 6.28 28.53
C CYS A 564 4.57 5.22 27.80
N LEU A 565 3.89 4.37 27.03
CA LEU A 565 4.56 3.35 26.22
C LEU A 565 5.53 4.03 25.27
N LYS A 566 5.10 5.15 24.69
CA LYS A 566 5.98 5.90 23.79
C LYS A 566 7.12 6.59 24.53
N ILE A 567 6.77 7.34 25.59
CA ILE A 567 7.75 8.09 26.37
C ILE A 567 8.90 7.21 26.88
N ASN A 568 8.54 6.10 27.52
CA ASN A 568 9.52 5.20 28.10
C ASN A 568 10.53 4.69 27.08
N VAL A 569 10.04 4.27 25.92
CA VAL A 569 10.89 3.81 24.83
C VAL A 569 11.77 4.95 24.33
N LYS A 570 11.18 6.12 24.14
CA LYS A 570 11.92 7.29 23.70
C LYS A 570 13.05 7.68 24.65
N LEU A 571 12.89 7.36 25.93
CA LEU A 571 13.94 7.65 26.90
C LEU A 571 14.83 6.45 27.17
N GLY A 572 14.72 5.43 26.34
CA GLY A 572 15.62 4.28 26.39
C GLY A 572 15.17 3.14 27.26
N GLY A 573 13.88 3.08 27.55
CA GLY A 573 13.34 2.06 28.42
C GLY A 573 12.80 0.83 27.71
N VAL A 574 12.88 -0.31 28.37
CA VAL A 574 12.31 -1.55 27.84
C VAL A 574 10.92 -1.77 28.41
N ASN A 575 9.91 -1.62 27.56
CA ASN A 575 8.52 -1.78 28.00
C ASN A 575 8.23 -3.19 28.50
N ASN A 576 8.58 -4.18 27.68
CA ASN A 576 8.41 -5.58 28.03
C ASN A 576 9.20 -6.46 27.07
N ILE A 577 9.48 -7.69 27.50
CA ILE A 577 10.21 -8.61 26.62
C ILE A 577 9.45 -9.93 26.44
N LEU A 578 9.79 -10.64 25.37
CA LEU A 578 9.26 -11.97 25.15
C LEU A 578 9.77 -12.85 26.28
N LEU A 579 8.91 -13.72 26.79
CA LEU A 579 9.30 -14.70 27.80
C LEU A 579 10.50 -15.48 27.27
N PRO A 580 11.67 -15.27 27.90
CA PRO A 580 12.97 -15.79 27.43
C PRO A 580 12.96 -17.29 27.14
N GLN A 581 12.21 -18.06 27.90
CA GLN A 581 12.16 -19.51 27.70
C GLN A 581 11.11 -19.94 26.69
N GLY A 582 10.26 -18.99 26.29
CA GLY A 582 9.21 -19.28 25.33
C GLY A 582 9.62 -19.00 23.89
N ARG A 583 10.81 -18.44 23.72
CA ARG A 583 11.33 -18.09 22.41
C ARG A 583 11.83 -19.31 21.65
N PRO A 584 11.77 -19.25 20.31
CA PRO A 584 12.30 -20.32 19.45
C PRO A 584 13.82 -20.48 19.62
N PRO A 585 14.35 -21.67 19.28
CA PRO A 585 15.76 -22.04 19.45
C PRO A 585 16.77 -21.02 18.89
N VAL A 586 16.35 -20.24 17.91
CA VAL A 586 17.25 -19.29 17.23
C VAL A 586 17.96 -18.34 18.19
N PHE A 587 17.34 -18.07 19.34
CA PHE A 587 17.89 -17.13 20.31
C PHE A 587 19.07 -17.70 21.11
N GLN A 588 19.34 -18.99 20.96
CA GLN A 588 20.45 -19.61 21.67
C GLN A 588 21.78 -19.04 21.20
N GLN A 589 21.82 -18.62 19.94
CA GLN A 589 22.97 -17.93 19.38
C GLN A 589 22.62 -16.47 19.17
N PRO A 590 23.64 -15.58 19.17
CA PRO A 590 23.41 -14.16 18.90
C PRO A 590 22.82 -13.92 17.52
N VAL A 591 21.66 -13.28 17.45
CA VAL A 591 20.96 -13.06 16.19
C VAL A 591 20.47 -11.61 16.07
N ILE A 592 20.58 -11.04 14.88
CA ILE A 592 20.05 -9.70 14.66
C ILE A 592 18.81 -9.73 13.77
N PHE A 593 17.85 -8.87 14.10
CA PHE A 593 16.61 -8.77 13.34
C PHE A 593 16.51 -7.40 12.68
N LEU A 594 16.41 -7.42 11.36
CA LEU A 594 16.37 -6.19 10.56
C LEU A 594 15.00 -5.99 9.94
N GLY A 595 14.44 -4.79 10.14
CA GLY A 595 13.24 -4.40 9.44
C GLY A 595 13.67 -3.56 8.26
N ALA A 596 12.99 -3.72 7.13
CA ALA A 596 13.34 -2.96 5.94
C ALA A 596 12.09 -2.55 5.17
N ASP A 597 12.05 -1.29 4.73
CA ASP A 597 10.90 -0.80 3.99
C ASP A 597 11.28 0.37 3.08
N VAL A 598 10.55 0.51 1.98
CA VAL A 598 10.70 1.65 1.10
C VAL A 598 9.35 2.33 0.91
N THR A 599 9.31 3.63 1.15
CA THR A 599 8.07 4.40 0.96
C THR A 599 8.20 5.35 -0.23
N HIS A 600 7.24 5.26 -1.14
CA HIS A 600 7.28 6.01 -2.39
C HIS A 600 6.37 7.24 -2.36
N PRO A 601 6.70 8.26 -3.17
CA PRO A 601 5.89 9.47 -3.29
C PRO A 601 4.45 9.17 -3.71
N PRO A 602 3.50 10.01 -3.28
CA PRO A 602 2.07 9.85 -3.59
C PRO A 602 1.78 9.84 -5.09
N ALA A 603 0.57 9.44 -5.45
CA ALA A 603 0.16 9.38 -6.85
C ALA A 603 0.19 10.74 -7.52
N GLY A 604 0.91 10.84 -8.64
CA GLY A 604 0.97 12.07 -9.40
C GLY A 604 2.34 12.73 -9.34
N ASP A 605 2.96 12.71 -8.16
CA ASP A 605 4.28 13.31 -7.96
C ASP A 605 5.31 12.72 -8.92
N GLY A 606 6.33 13.51 -9.25
CA GLY A 606 7.32 13.07 -10.21
C GLY A 606 8.75 13.47 -9.88
N LYS A 607 8.93 14.16 -8.76
CA LYS A 607 10.27 14.65 -8.39
C LYS A 607 10.69 14.24 -6.98
N LYS A 608 9.71 13.93 -6.13
CA LYS A 608 9.99 13.53 -4.76
C LYS A 608 10.78 12.22 -4.74
N PRO A 609 11.70 12.08 -3.76
CA PRO A 609 12.52 10.88 -3.66
C PRO A 609 11.75 9.75 -2.99
N SER A 610 12.20 8.52 -3.20
CA SER A 610 11.71 7.39 -2.42
C SER A 610 12.55 7.30 -1.16
N ILE A 611 12.00 6.74 -0.09
CA ILE A 611 12.71 6.70 1.18
C ILE A 611 12.93 5.28 1.66
N ALA A 612 14.19 4.93 1.92
CA ALA A 612 14.54 3.61 2.42
C ALA A 612 14.78 3.68 3.93
N ALA A 613 14.23 2.71 4.65
CA ALA A 613 14.39 2.64 6.09
C ALA A 613 14.74 1.23 6.51
N VAL A 614 15.81 1.10 7.30
CA VAL A 614 16.23 -0.20 7.83
C VAL A 614 16.51 -0.07 9.33
N VAL A 615 15.78 -0.85 10.13
CA VAL A 615 16.04 -0.88 11.57
C VAL A 615 16.70 -2.19 11.95
N GLY A 616 17.38 -2.19 13.10
CA GLY A 616 18.05 -3.40 13.57
C GLY A 616 17.92 -3.57 15.07
N SER A 617 17.62 -4.79 15.51
CA SER A 617 17.50 -5.09 16.93
C SER A 617 18.84 -4.89 17.62
N MET A 618 18.81 -4.46 18.88
CA MET A 618 20.03 -4.11 19.60
C MET A 618 20.17 -4.91 20.90
N ASP A 619 19.39 -5.97 21.02
CA ASP A 619 19.50 -6.88 22.16
C ASP A 619 18.95 -8.26 21.83
N ALA A 620 18.96 -9.15 22.83
CA ALA A 620 18.56 -10.53 22.64
C ALA A 620 17.09 -10.75 22.93
N HIS A 621 16.39 -9.69 23.31
CA HIS A 621 15.00 -9.81 23.78
C HIS A 621 14.00 -10.39 22.77
N PRO A 622 13.88 -9.80 21.56
CA PRO A 622 14.46 -8.57 21.02
C PRO A 622 13.50 -7.40 21.22
N ASN A 623 14.00 -6.30 21.78
CA ASN A 623 13.14 -5.17 22.09
C ASN A 623 13.62 -3.83 21.53
N ARG A 624 14.82 -3.43 21.90
CA ARG A 624 15.38 -2.15 21.43
C ARG A 624 15.91 -2.23 20.01
N TYR A 625 15.56 -1.25 19.19
CA TYR A 625 16.02 -1.19 17.80
C TYR A 625 16.69 0.15 17.51
N CYS A 626 17.61 0.16 16.56
CA CYS A 626 18.17 1.42 16.06
C CYS A 626 17.83 1.57 14.59
N ALA A 627 17.82 2.82 14.12
CA ALA A 627 17.33 3.10 12.78
C ALA A 627 18.41 3.61 11.83
N THR A 628 18.20 3.34 10.54
CA THR A 628 18.97 3.92 9.46
C THR A 628 17.99 4.31 8.37
N VAL A 629 18.25 5.44 7.71
CA VAL A 629 17.33 5.96 6.71
C VAL A 629 18.06 6.71 5.60
N ARG A 630 17.63 6.50 4.36
CA ARG A 630 18.22 7.17 3.21
C ARG A 630 17.16 7.69 2.26
N VAL A 631 17.50 8.70 1.48
CA VAL A 631 16.70 9.09 0.34
C VAL A 631 17.34 8.45 -0.90
N GLN A 632 16.52 8.08 -1.87
CA GLN A 632 17.04 7.50 -3.10
C GLN A 632 16.17 7.84 -4.30
N GLN A 633 16.48 7.22 -5.44
CA GLN A 633 15.82 7.52 -6.71
C GLN A 633 14.30 7.46 -6.65
N HIS A 634 13.65 8.32 -7.43
CA HIS A 634 12.20 8.39 -7.47
C HIS A 634 11.58 7.05 -7.88
N ARG A 635 10.81 6.47 -6.97
CA ARG A 635 10.09 5.21 -7.20
C ARG A 635 10.99 3.99 -7.43
N GLN A 636 12.18 4.01 -6.84
CA GLN A 636 13.05 2.84 -6.85
C GLN A 636 12.81 2.00 -5.59
N GLU A 637 12.40 0.75 -5.78
CA GLU A 637 12.10 -0.12 -4.65
C GLU A 637 13.37 -0.70 -4.03
N ILE A 638 14.34 -1.03 -4.89
CA ILE A 638 15.59 -1.61 -4.42
C ILE A 638 16.35 -0.64 -3.51
N ILE A 639 16.62 -1.09 -2.29
CA ILE A 639 17.35 -0.26 -1.34
C ILE A 639 18.78 -0.06 -1.82
N GLN A 640 19.04 1.11 -2.38
CA GLN A 640 20.31 1.42 -3.03
C GLN A 640 21.49 1.37 -2.07
N ASP A 641 21.33 1.99 -0.91
CA ASP A 641 22.43 2.16 0.04
C ASP A 641 22.33 1.16 1.19
N LEU A 642 21.87 -0.06 0.89
CA LEU A 642 21.62 -1.07 1.93
C LEU A 642 22.86 -1.50 2.71
N ALA A 643 23.93 -1.83 1.98
CA ALA A 643 25.16 -2.33 2.60
C ALA A 643 25.69 -1.40 3.70
N ALA A 644 25.65 -0.10 3.46
CA ALA A 644 26.08 0.88 4.44
C ALA A 644 25.20 0.82 5.68
N MET A 645 23.89 0.72 5.47
CA MET A 645 22.92 0.69 6.56
C MET A 645 23.10 -0.55 7.43
N VAL A 646 23.29 -1.70 6.78
CA VAL A 646 23.52 -2.95 7.49
C VAL A 646 24.85 -2.93 8.23
N ARG A 647 25.85 -2.27 7.65
CA ARG A 647 27.14 -2.12 8.33
C ARG A 647 26.97 -1.29 9.60
N GLU A 648 26.31 -0.14 9.47
CA GLU A 648 26.02 0.70 10.63
C GLU A 648 25.31 -0.10 11.72
N LEU A 649 24.24 -0.79 11.34
CA LEU A 649 23.44 -1.55 12.28
C LEU A 649 24.20 -2.71 12.94
N LEU A 650 25.12 -3.33 12.20
CA LEU A 650 25.90 -4.42 12.75
C LEU A 650 26.91 -3.89 13.76
N ILE A 651 27.57 -2.79 13.39
CA ILE A 651 28.50 -2.11 14.28
C ILE A 651 27.80 -1.75 15.58
N GLN A 652 26.63 -1.12 15.47
CA GLN A 652 25.87 -0.70 16.64
C GLN A 652 25.42 -1.91 17.46
N PHE A 653 25.08 -3.00 16.77
CA PHE A 653 24.69 -4.24 17.46
C PHE A 653 25.85 -4.76 18.30
N TYR A 654 27.05 -4.73 17.74
CA TYR A 654 28.22 -5.19 18.48
C TYR A 654 28.50 -4.28 19.67
N LYS A 655 28.43 -2.96 19.47
CA LYS A 655 28.69 -2.04 20.57
C LYS A 655 27.66 -2.18 21.68
N SER A 656 26.45 -2.58 21.30
CA SER A 656 25.36 -2.71 22.28
C SER A 656 25.39 -4.04 23.03
N THR A 657 25.72 -5.13 22.32
CA THR A 657 25.62 -6.47 22.89
C THR A 657 26.97 -7.13 23.15
N ARG A 658 28.03 -6.59 22.54
CA ARG A 658 29.35 -7.23 22.54
C ARG A 658 29.31 -8.62 21.91
N PHE A 659 28.30 -8.85 21.07
CA PHE A 659 28.17 -10.08 20.31
C PHE A 659 28.14 -9.77 18.83
N LYS A 660 28.70 -10.67 18.02
CA LYS A 660 28.54 -10.60 16.58
C LYS A 660 27.45 -11.57 16.17
N PRO A 661 26.42 -11.08 15.46
CA PRO A 661 25.31 -11.92 15.02
C PRO A 661 25.79 -13.11 14.19
N THR A 662 25.40 -14.30 14.60
CA THR A 662 25.67 -15.50 13.82
C THR A 662 24.59 -15.62 12.75
N ARG A 663 23.47 -14.94 12.97
CA ARG A 663 22.35 -14.99 12.05
C ARG A 663 21.72 -13.61 11.84
N ILE A 664 21.38 -13.33 10.58
CA ILE A 664 20.73 -12.09 10.21
C ILE A 664 19.36 -12.39 9.63
N ILE A 665 18.32 -12.05 10.38
CA ILE A 665 16.95 -12.24 9.91
C ILE A 665 16.43 -10.93 9.35
N PHE A 666 16.08 -10.95 8.06
CA PHE A 666 15.81 -9.74 7.30
C PHE A 666 14.37 -9.71 6.80
N TYR A 667 13.53 -8.95 7.49
CA TYR A 667 12.15 -8.77 7.06
C TYR A 667 12.01 -7.58 6.12
N ARG A 668 11.80 -7.87 4.84
CA ARG A 668 11.74 -6.87 3.78
C ARG A 668 10.32 -6.62 3.30
N ASP A 669 9.76 -5.49 3.69
CA ASP A 669 8.37 -5.15 3.40
C ASP A 669 8.16 -4.60 1.98
N GLY A 670 7.06 -4.98 1.35
CA GLY A 670 6.55 -4.30 0.18
C GLY A 670 6.98 -4.76 -1.21
N VAL A 671 7.85 -5.76 -1.28
CA VAL A 671 8.30 -6.25 -2.58
C VAL A 671 7.29 -7.23 -3.19
N SER A 672 6.78 -6.89 -4.37
CA SER A 672 5.86 -7.78 -5.07
C SER A 672 6.63 -8.92 -5.73
N GLU A 673 5.92 -9.96 -6.12
CA GLU A 673 6.52 -11.14 -6.73
C GLU A 673 7.42 -10.76 -7.91
N GLY A 674 6.88 -9.95 -8.82
CA GLY A 674 7.58 -9.56 -10.02
C GLY A 674 8.91 -8.85 -9.78
N GLN A 675 9.16 -8.49 -8.55
CA GLN A 675 10.38 -7.85 -8.22
C GLN A 675 11.26 -8.62 -7.30
N PHE A 676 10.95 -9.85 -7.02
CA PHE A 676 11.68 -10.62 -6.06
C PHE A 676 13.05 -10.83 -6.51
N GLN A 677 13.23 -11.21 -7.76
CA GLN A 677 14.52 -11.71 -8.19
C GLN A 677 15.52 -10.65 -8.18
N GLN A 678 15.11 -9.49 -8.62
CA GLN A 678 15.99 -8.37 -8.59
C GLN A 678 16.39 -7.94 -7.24
N VAL A 679 15.43 -7.78 -6.36
CA VAL A 679 15.66 -7.19 -5.09
C VAL A 679 16.59 -8.06 -4.31
N LEU A 680 16.35 -9.34 -4.30
CA LEU A 680 17.22 -10.28 -3.63
C LEU A 680 18.51 -10.26 -4.30
N HIS A 681 18.54 -10.06 -5.60
CA HIS A 681 19.85 -10.04 -6.22
C HIS A 681 20.71 -8.91 -5.67
N HIS A 682 20.11 -7.74 -5.44
CA HIS A 682 20.88 -6.59 -5.00
C HIS A 682 21.01 -6.53 -3.48
N GLU A 683 19.90 -6.79 -2.78
CA GLU A 683 19.86 -6.59 -1.34
C GLU A 683 20.57 -7.69 -0.54
N LEU A 684 20.27 -8.94 -0.83
CA LEU A 684 20.94 -10.06 -0.19
C LEU A 684 22.45 -9.90 -0.28
N LEU A 685 22.95 -9.73 -1.50
CA LEU A 685 24.37 -9.47 -1.73
C LEU A 685 24.85 -8.27 -0.91
N ALA A 686 24.04 -7.20 -0.90
CA ALA A 686 24.37 -6.00 -0.14
C ALA A 686 24.60 -6.32 1.33
N ILE A 687 23.86 -7.29 1.85
CA ILE A 687 24.06 -7.72 3.23
C ILE A 687 25.40 -8.45 3.36
N ARG A 688 25.64 -9.40 2.44
CA ARG A 688 26.89 -10.15 2.43
C ARG A 688 28.08 -9.21 2.41
N GLU A 689 28.08 -8.29 1.44
CA GLU A 689 29.07 -7.23 1.35
C GLU A 689 29.26 -6.54 2.71
N ALA A 690 28.16 -6.12 3.31
CA ALA A 690 28.18 -5.45 4.60
C ALA A 690 28.94 -6.27 5.64
N CYS A 691 28.80 -7.58 5.58
CA CYS A 691 29.52 -8.46 6.50
C CYS A 691 30.98 -8.57 6.06
N ILE A 692 31.19 -8.80 4.77
CA ILE A 692 32.54 -9.01 4.23
C ILE A 692 33.48 -7.85 4.56
N LYS A 693 33.02 -6.63 4.30
CA LYS A 693 33.83 -5.45 4.53
C LYS A 693 33.97 -5.12 6.01
N LEU A 694 33.24 -5.85 6.85
CA LEU A 694 33.31 -5.62 8.29
C LEU A 694 34.36 -6.52 8.94
N GLU A 695 34.48 -7.73 8.43
CA GLU A 695 35.43 -8.72 8.96
C GLU A 695 35.47 -9.94 8.04
N LYS A 696 36.67 -10.48 7.84
CA LYS A 696 36.83 -11.71 7.07
C LYS A 696 37.37 -12.82 7.97
N ASP A 697 36.72 -13.98 7.95
CA ASP A 697 35.56 -14.21 7.10
C ASP A 697 34.28 -14.24 7.94
N TYR A 698 33.69 -13.07 8.16
CA TYR A 698 32.44 -12.99 8.91
C TYR A 698 31.25 -13.27 8.00
N GLN A 699 30.79 -14.51 7.99
CA GLN A 699 29.67 -14.92 7.14
C GLN A 699 28.52 -15.47 7.96
N PRO A 700 27.72 -14.58 8.56
CA PRO A 700 26.54 -15.05 9.29
C PRO A 700 25.46 -15.51 8.30
N GLY A 701 24.67 -16.49 8.68
CA GLY A 701 23.62 -16.98 7.81
C GLY A 701 22.50 -15.96 7.67
N ILE A 702 22.04 -15.76 6.44
CA ILE A 702 21.00 -14.76 6.16
C ILE A 702 19.67 -15.41 5.83
N THR A 703 18.62 -14.98 6.53
CA THR A 703 17.26 -15.36 6.16
C THR A 703 16.55 -14.14 5.59
N PHE A 704 16.19 -14.20 4.31
CA PHE A 704 15.57 -13.10 3.62
C PHE A 704 14.08 -13.37 3.45
N ILE A 705 13.25 -12.62 4.16
CA ILE A 705 11.80 -12.84 4.14
C ILE A 705 11.05 -11.62 3.63
N VAL A 706 10.35 -11.76 2.51
CA VAL A 706 9.54 -10.66 2.00
C VAL A 706 8.16 -10.64 2.65
N VAL A 707 7.82 -9.48 3.23
CA VAL A 707 6.52 -9.28 3.87
C VAL A 707 5.56 -8.56 2.93
N GLN A 708 4.40 -9.16 2.70
CA GLN A 708 3.37 -8.54 1.87
C GLN A 708 2.07 -8.42 2.64
N LYS A 709 1.73 -7.20 3.01
CA LYS A 709 0.48 -6.93 3.70
C LYS A 709 -0.61 -6.59 2.69
N ARG A 710 -0.21 -5.98 1.58
CA ARG A 710 -1.18 -5.56 0.57
C ARG A 710 -1.24 -6.49 -0.65
N HIS A 711 -2.16 -7.44 -0.57
CA HIS A 711 -2.44 -8.36 -1.67
C HIS A 711 -3.95 -8.62 -1.67
N HIS A 712 -4.40 -9.61 -2.44
CA HIS A 712 -5.83 -9.85 -2.57
C HIS A 712 -6.28 -11.21 -2.04
N THR A 713 -5.50 -11.78 -1.12
CA THR A 713 -5.91 -13.01 -0.46
C THR A 713 -6.66 -12.66 0.82
N ARG A 714 -7.89 -13.15 0.91
CA ARG A 714 -8.72 -12.92 2.10
C ARG A 714 -9.20 -14.25 2.65
N LEU A 715 -9.02 -14.43 3.95
CA LEU A 715 -9.42 -15.67 4.61
C LEU A 715 -10.61 -15.44 5.54
N PHE A 716 -11.61 -16.30 5.44
CA PHE A 716 -12.80 -16.16 6.27
C PHE A 716 -13.01 -17.39 7.13
N CYS A 717 -13.66 -17.21 8.27
CA CYS A 717 -14.03 -18.33 9.12
C CYS A 717 -15.15 -19.10 8.46
N THR A 718 -15.02 -20.43 8.42
CA THR A 718 -16.05 -21.28 7.85
C THR A 718 -17.18 -21.44 8.84
N ASP A 719 -16.83 -21.81 10.07
CA ASP A 719 -17.82 -21.92 11.13
C ASP A 719 -18.14 -20.55 11.71
N LYS A 720 -19.43 -20.25 11.82
CA LYS A 720 -19.86 -18.95 12.34
C LYS A 720 -19.44 -18.73 13.79
N ASN A 721 -19.30 -19.82 14.54
CA ASN A 721 -18.88 -19.73 15.94
C ASN A 721 -17.38 -19.47 16.11
N GLU A 722 -16.68 -19.32 14.99
CA GLU A 722 -15.25 -19.05 15.03
C GLU A 722 -14.91 -17.58 14.81
N ARG A 723 -15.81 -16.87 14.13
CA ARG A 723 -15.62 -15.46 13.83
C ARG A 723 -15.43 -14.67 15.11
N VAL A 724 -14.46 -13.75 15.11
CA VAL A 724 -14.18 -12.95 16.31
C VAL A 724 -14.73 -11.54 16.16
N GLY A 725 -15.46 -11.10 17.19
CA GLY A 725 -15.92 -9.73 17.28
C GLY A 725 -16.99 -9.32 16.29
N LYS A 726 -17.25 -8.02 16.24
CA LYS A 726 -18.30 -7.45 15.40
C LYS A 726 -17.96 -7.54 13.91
N SER A 727 -16.68 -7.46 13.58
CA SER A 727 -16.25 -7.56 12.19
C SER A 727 -16.23 -9.02 11.72
N GLY A 728 -16.31 -9.93 12.68
CA GLY A 728 -16.39 -11.36 12.39
C GLY A 728 -15.17 -11.90 11.65
N ASN A 729 -13.99 -11.56 12.15
CA ASN A 729 -12.75 -11.96 11.49
C ASN A 729 -12.11 -13.21 12.07
N ILE A 730 -11.18 -13.77 11.30
CA ILE A 730 -10.35 -14.88 11.76
C ILE A 730 -9.50 -14.42 12.94
N PRO A 731 -9.25 -15.32 13.91
CA PRO A 731 -8.53 -14.95 15.13
C PRO A 731 -7.04 -14.73 14.89
N ALA A 732 -6.42 -13.92 15.74
CA ALA A 732 -4.99 -13.67 15.64
C ALA A 732 -4.21 -14.97 15.83
N GLY A 733 -3.23 -15.19 14.96
CA GLY A 733 -2.44 -16.41 15.00
C GLY A 733 -2.79 -17.37 13.88
N THR A 734 -3.88 -17.07 13.17
CA THR A 734 -4.32 -17.89 12.05
C THR A 734 -3.22 -18.02 10.99
N THR A 735 -2.73 -19.25 10.82
CA THR A 735 -1.62 -19.49 9.91
C THR A 735 -2.02 -20.45 8.79
N VAL A 736 -1.70 -20.09 7.56
CA VAL A 736 -1.99 -20.91 6.40
C VAL A 736 -0.74 -21.09 5.55
N ASP A 737 -0.29 -22.32 5.46
CA ASP A 737 0.75 -22.70 4.58
C ASP A 737 0.48 -23.89 3.74
N THR A 738 -0.74 -24.03 3.26
CA THR A 738 -1.09 -25.13 2.42
C THR A 738 -2.12 -24.72 1.44
N LYS A 739 -2.19 -25.44 0.36
CA LYS A 739 -3.31 -25.37 -0.52
C LYS A 739 -3.41 -24.20 -1.33
N ILE A 740 -3.27 -23.05 -0.73
CA ILE A 740 -3.28 -21.80 -1.50
C ILE A 740 -1.93 -21.17 -1.62
N THR A 741 -0.95 -21.73 -0.97
CA THR A 741 0.40 -21.17 -1.01
C THR A 741 1.19 -21.66 -2.22
N HIS A 742 2.48 -21.37 -2.26
CA HIS A 742 3.33 -21.67 -3.41
C HIS A 742 3.62 -23.17 -3.53
N PRO A 743 3.51 -23.72 -4.75
CA PRO A 743 3.71 -25.15 -5.06
C PRO A 743 5.08 -25.70 -4.67
N THR A 744 6.12 -24.87 -4.67
CA THR A 744 7.47 -25.36 -4.39
C THR A 744 8.25 -24.52 -3.38
N GLU A 745 7.85 -23.26 -3.21
CA GLU A 745 8.63 -22.32 -2.41
C GLU A 745 8.13 -22.15 -0.97
N PHE A 746 8.96 -21.49 -0.16
CA PHE A 746 8.72 -21.33 1.27
C PHE A 746 7.92 -20.04 1.54
N ASP A 747 6.60 -20.17 1.62
CA ASP A 747 5.74 -19.02 1.87
C ASP A 747 4.57 -19.39 2.78
N PHE A 748 4.00 -18.38 3.44
CA PHE A 748 2.88 -18.60 4.34
C PHE A 748 2.12 -17.33 4.73
N TYR A 749 0.79 -17.43 4.80
CA TYR A 749 -0.04 -16.37 5.33
C TYR A 749 -0.12 -16.47 6.84
N LEU A 750 0.03 -15.33 7.51
CA LEU A 750 -0.09 -15.29 8.97
C LEU A 750 -0.80 -14.02 9.42
N CYS A 751 -2.09 -14.15 9.71
CA CYS A 751 -2.87 -13.04 10.24
C CYS A 751 -2.62 -12.95 11.74
N SER A 752 -1.69 -12.09 12.12
CA SER A 752 -1.22 -12.03 13.51
C SER A 752 -1.97 -11.01 14.34
N HIS A 753 -2.91 -10.30 13.72
CA HIS A 753 -3.58 -9.20 14.39
C HIS A 753 -5.08 -9.44 14.59
N ALA A 754 -5.61 -8.92 15.69
CA ALA A 754 -7.04 -8.97 15.95
C ALA A 754 -7.73 -7.96 15.05
N GLY A 755 -8.64 -8.45 14.20
CA GLY A 755 -9.34 -7.59 13.26
C GLY A 755 -10.45 -6.78 13.91
N ILE A 756 -10.20 -5.49 14.08
CA ILE A 756 -11.17 -4.60 14.72
C ILE A 756 -12.29 -4.23 13.76
N GLN A 757 -11.93 -3.86 12.53
CA GLN A 757 -12.90 -3.39 11.56
C GLN A 757 -12.68 -4.00 10.19
N GLY A 758 -13.77 -4.22 9.46
CA GLY A 758 -13.71 -4.72 8.10
C GLY A 758 -13.19 -6.14 7.99
N THR A 759 -12.39 -6.37 6.95
CA THR A 759 -11.83 -7.69 6.70
C THR A 759 -10.32 -7.65 6.84
N SER A 760 -9.79 -8.43 7.79
CA SER A 760 -8.36 -8.47 8.05
C SER A 760 -7.56 -8.84 6.80
N ARG A 761 -6.43 -8.16 6.61
CA ARG A 761 -5.49 -8.52 5.57
C ARG A 761 -4.45 -9.44 6.18
N PRO A 762 -4.51 -10.74 5.86
CA PRO A 762 -3.50 -11.64 6.37
C PRO A 762 -2.14 -11.33 5.73
N SER A 763 -1.14 -11.06 6.56
CA SER A 763 0.18 -10.73 6.03
C SER A 763 0.78 -11.95 5.37
N HIS A 764 1.26 -11.80 4.14
CA HIS A 764 1.95 -12.90 3.47
C HIS A 764 3.46 -12.78 3.61
N TYR A 765 4.09 -13.89 4.00
CA TYR A 765 5.54 -13.93 4.16
C TYR A 765 6.14 -14.91 3.16
N HIS A 766 7.07 -14.41 2.35
CA HIS A 766 7.73 -15.21 1.34
C HIS A 766 9.23 -15.23 1.60
N VAL A 767 9.78 -16.44 1.71
CA VAL A 767 11.20 -16.59 2.01
C VAL A 767 12.02 -16.72 0.74
N LEU A 768 12.82 -15.69 0.44
CA LEU A 768 13.59 -15.66 -0.80
C LEU A 768 14.96 -16.30 -0.66
N TRP A 769 15.41 -16.46 0.59
CA TRP A 769 16.72 -17.03 0.87
C TRP A 769 16.75 -17.44 2.34
N ASP A 770 17.46 -18.52 2.65
CA ASP A 770 17.53 -18.98 4.04
C ASP A 770 18.74 -19.86 4.31
N ASP A 771 19.85 -19.24 4.67
CA ASP A 771 21.07 -19.97 5.00
C ASP A 771 20.90 -20.77 6.29
N ASN A 772 19.99 -20.32 7.15
CA ASN A 772 19.83 -20.90 8.47
C ASN A 772 18.94 -22.13 8.50
N ARG A 773 18.31 -22.42 7.36
CA ARG A 773 17.49 -23.62 7.20
C ARG A 773 16.37 -23.77 8.24
N PHE A 774 15.62 -22.69 8.42
CA PHE A 774 14.46 -22.70 9.31
C PHE A 774 13.44 -23.75 8.87
N SER A 775 12.74 -24.32 9.84
CA SER A 775 11.58 -25.15 9.54
C SER A 775 10.39 -24.22 9.48
N SER A 776 9.28 -24.68 8.91
CA SER A 776 8.08 -23.85 8.82
C SER A 776 7.63 -23.40 10.20
N ASP A 777 7.56 -24.36 11.13
CA ASP A 777 7.12 -24.07 12.49
C ASP A 777 7.95 -23.00 13.18
N GLU A 778 9.27 -23.15 13.16
CA GLU A 778 10.13 -22.19 13.84
C GLU A 778 10.03 -20.78 13.26
N LEU A 779 10.01 -20.67 11.94
CA LEU A 779 9.96 -19.37 11.28
C LEU A 779 8.61 -18.69 11.49
N GLN A 780 7.53 -19.47 11.40
CA GLN A 780 6.19 -18.93 11.62
C GLN A 780 6.00 -18.47 13.07
N ILE A 781 6.41 -19.32 14.01
CA ILE A 781 6.35 -18.97 15.43
C ILE A 781 7.19 -17.73 15.71
N LEU A 782 8.39 -17.68 15.13
CA LEU A 782 9.28 -16.54 15.31
C LEU A 782 8.64 -15.25 14.81
N THR A 783 8.09 -15.30 13.60
CA THR A 783 7.41 -14.14 13.01
C THR A 783 6.27 -13.66 13.92
N TYR A 784 5.43 -14.62 14.31
CA TYR A 784 4.29 -14.33 15.17
C TYR A 784 4.70 -13.69 16.50
N GLN A 785 5.74 -14.24 17.12
CA GLN A 785 6.24 -13.70 18.39
C GLN A 785 6.80 -12.30 18.18
N LEU A 786 7.47 -12.08 17.05
CA LEU A 786 7.99 -10.76 16.71
C LEU A 786 6.85 -9.76 16.58
N CYS A 787 5.69 -10.23 16.12
CA CYS A 787 4.51 -9.36 16.04
C CYS A 787 4.04 -8.88 17.42
N HIS A 788 4.62 -9.43 18.48
CA HIS A 788 4.22 -9.07 19.85
C HIS A 788 5.22 -8.15 20.54
N THR A 789 6.31 -7.83 19.86
CA THR A 789 7.37 -7.03 20.48
C THR A 789 7.29 -5.55 20.09
N TYR A 790 6.19 -5.17 19.44
CA TYR A 790 5.98 -3.80 19.00
C TYR A 790 5.60 -2.92 20.19
N VAL A 791 6.48 -1.97 20.51
CA VAL A 791 6.42 -1.25 21.78
C VAL A 791 5.28 -0.22 21.92
N ARG A 792 4.72 0.25 20.82
CA ARG A 792 3.76 1.34 20.85
C ARG A 792 2.35 0.94 21.33
N CYS A 793 2.12 -0.35 21.53
CA CYS A 793 0.83 -0.82 22.01
C CYS A 793 0.90 -2.23 22.59
N THR A 794 0.02 -2.52 23.54
CA THR A 794 -0.05 -3.84 24.15
C THR A 794 -0.94 -4.78 23.33
N ARG A 795 -0.69 -4.81 22.02
CA ARG A 795 -1.44 -5.67 21.10
C ARG A 795 -0.49 -6.40 20.17
N SER A 796 -1.02 -7.35 19.41
CA SER A 796 -0.26 -8.04 18.40
C SER A 796 -0.49 -7.39 17.03
N VAL A 797 0.54 -6.76 16.50
CA VAL A 797 0.43 -6.00 15.25
C VAL A 797 0.44 -6.90 14.02
N SER A 798 -0.04 -6.37 12.89
CA SER A 798 -0.25 -7.16 11.68
C SER A 798 1.03 -7.58 10.96
N ILE A 799 2.12 -6.86 11.22
CA ILE A 799 3.42 -7.25 10.66
C ILE A 799 4.47 -7.21 11.77
N PRO A 800 5.56 -7.98 11.62
CA PRO A 800 6.63 -8.03 12.62
C PRO A 800 7.12 -6.64 13.03
N ALA A 801 7.42 -6.47 14.31
CA ALA A 801 7.84 -5.18 14.87
C ALA A 801 8.95 -4.44 14.10
N PRO A 802 10.03 -5.15 13.70
CA PRO A 802 11.09 -4.45 12.96
C PRO A 802 10.61 -3.77 11.68
N ALA A 803 9.82 -4.46 10.86
CA ALA A 803 9.31 -3.88 9.62
C ALA A 803 8.42 -2.67 9.91
N TYR A 804 7.67 -2.74 11.00
CA TYR A 804 6.79 -1.67 11.41
C TYR A 804 7.62 -0.44 11.78
N TYR A 805 8.67 -0.64 12.56
CA TYR A 805 9.59 0.42 12.91
C TYR A 805 10.20 1.01 11.64
N ALA A 806 10.44 0.15 10.64
CA ALA A 806 10.94 0.61 9.36
C ALA A 806 9.96 1.60 8.73
N HIS A 807 8.68 1.24 8.74
CA HIS A 807 7.62 2.14 8.27
C HIS A 807 7.68 3.48 9.01
N LEU A 808 7.66 3.43 10.34
CA LEU A 808 7.69 4.63 11.16
C LEU A 808 8.87 5.54 10.81
N VAL A 809 10.04 4.91 10.63
CA VAL A 809 11.26 5.63 10.27
C VAL A 809 11.15 6.32 8.93
N ALA A 810 10.69 5.59 7.92
CA ALA A 810 10.52 6.17 6.59
C ALA A 810 9.56 7.35 6.65
N PHE A 811 8.50 7.22 7.44
CA PHE A 811 7.51 8.28 7.56
C PHE A 811 8.07 9.51 8.28
N ARG A 812 8.86 9.30 9.33
CA ARG A 812 9.50 10.41 10.04
C ARG A 812 10.44 11.14 9.10
N ALA A 813 11.13 10.36 8.27
CA ALA A 813 11.99 10.90 7.22
C ALA A 813 11.18 11.80 6.31
N ARG A 814 10.04 11.29 5.86
CA ARG A 814 9.14 12.06 5.00
C ARG A 814 8.71 13.35 5.69
N TYR A 815 8.59 13.32 7.02
CA TYR A 815 8.25 14.50 7.78
C TYR A 815 9.39 15.53 7.79
N HIS A 816 10.64 15.06 7.90
CA HIS A 816 11.79 15.95 7.89
C HIS A 816 11.97 16.65 6.54
N LEU A 817 11.33 16.10 5.51
CA LEU A 817 11.52 16.56 4.14
C LEU A 817 10.33 17.38 3.63
N VAL A 818 9.35 17.63 4.50
CA VAL A 818 8.15 18.36 4.12
C VAL A 818 8.50 19.73 3.54
N ASP A 819 8.00 19.98 2.33
CA ASP A 819 8.27 21.20 1.57
C ASP A 819 9.72 21.34 1.12
N LYS A 820 10.56 20.38 1.50
CA LYS A 820 11.96 20.39 1.07
C LYS A 820 12.17 19.57 -0.19
N GLU A 821 11.10 18.95 -0.68
CA GLU A 821 11.16 18.15 -1.89
C GLU A 821 10.83 19.01 -3.12
N ASP A 838 21.47 18.79 -4.81
CA ASP A 838 20.18 18.12 -4.92
C ASP A 838 20.04 16.99 -3.90
N HIS A 839 20.72 15.87 -4.18
CA HIS A 839 20.66 14.69 -3.30
C HIS A 839 21.18 15.03 -1.92
N GLN A 840 22.31 15.72 -1.88
CA GLN A 840 22.97 16.06 -0.62
C GLN A 840 22.07 16.82 0.34
N ALA A 841 21.21 17.69 -0.19
CA ALA A 841 20.35 18.52 0.64
C ALA A 841 19.28 17.68 1.33
N LEU A 842 18.57 16.87 0.55
CA LEU A 842 17.55 15.98 1.09
C LEU A 842 18.17 15.00 2.09
N ALA A 843 19.32 14.43 1.72
CA ALA A 843 20.05 13.55 2.61
C ALA A 843 20.37 14.24 3.94
N LYS A 844 20.81 15.49 3.86
CA LYS A 844 21.10 16.30 5.04
C LYS A 844 19.86 16.43 5.91
N ALA A 845 18.75 16.79 5.27
CA ALA A 845 17.49 16.99 5.97
C ALA A 845 17.05 15.70 6.65
N VAL A 846 17.41 14.57 6.06
CA VAL A 846 16.95 13.27 6.55
C VAL A 846 17.85 12.70 7.66
N GLN A 847 19.08 13.21 7.75
CA GLN A 847 20.06 12.72 8.72
C GLN A 847 19.78 13.24 10.12
N VAL A 848 19.69 12.33 11.09
CA VAL A 848 19.40 12.71 12.47
C VAL A 848 20.65 13.14 13.24
N HIS A 849 20.44 13.84 14.35
CA HIS A 849 21.53 14.31 15.20
C HIS A 849 22.33 13.13 15.75
N GLN A 850 23.58 13.37 16.13
CA GLN A 850 24.46 12.32 16.63
C GLN A 850 23.92 11.68 17.91
N ASP A 851 23.16 12.43 18.68
CA ASP A 851 22.57 11.92 19.92
C ASP A 851 21.21 11.26 19.69
N THR A 852 20.79 11.22 18.43
CA THR A 852 19.50 10.64 18.07
C THR A 852 19.71 9.33 17.33
N LEU A 853 20.93 9.15 16.82
CA LEU A 853 21.30 7.95 16.07
C LEU A 853 20.95 6.64 16.77
N ARG A 854 21.27 6.57 18.07
CA ARG A 854 21.13 5.33 18.83
C ARG A 854 19.82 5.26 19.63
N THR A 855 18.88 6.15 19.33
CA THR A 855 17.62 6.19 20.05
C THR A 855 16.47 5.66 19.20
N MET A 856 15.32 5.44 19.83
CA MET A 856 14.10 5.07 19.12
C MET A 856 13.20 6.29 18.96
N TYR A 857 13.72 7.31 18.30
CA TYR A 857 13.03 8.58 18.10
C TYR A 857 11.75 8.43 17.28
N PHE A 858 11.63 7.29 16.58
CA PHE A 858 10.52 7.06 15.67
C PHE A 858 9.27 6.55 16.37
N ALA A 859 9.41 6.20 17.65
CA ALA A 859 8.29 5.66 18.42
C ALA A 859 7.19 6.71 18.62
MG MG D . 6.66 0.39 1.53
C1 IPH E . 26.61 -14.75 3.73
C2 IPH E . 26.90 -13.66 4.56
C3 IPH E . 28.09 -12.96 4.39
C4 IPH E . 28.99 -13.34 3.40
C5 IPH E . 28.70 -14.43 2.58
C6 IPH E . 27.51 -15.13 2.74
O1 IPH E . 25.43 -15.43 3.90
C1 IPH F . 31.62 -6.45 13.99
C2 IPH F . 30.40 -6.07 14.53
C3 IPH F . 29.29 -6.89 14.37
C4 IPH F . 29.40 -8.09 13.68
C5 IPH F . 30.62 -8.47 13.13
C6 IPH F . 31.73 -7.64 13.29
O1 IPH F . 32.71 -5.64 14.14
C1 IPH G . 20.35 -13.47 21.11
C2 IPH G . 21.33 -13.69 22.08
C3 IPH G . 22.26 -12.70 22.35
C4 IPH G . 22.24 -11.50 21.65
C5 IPH G . 21.27 -11.28 20.67
C6 IPH G . 20.32 -12.27 20.41
O1 IPH G . 19.42 -14.43 20.84
C1 IPH H . 14.31 10.95 21.00
C2 IPH H . 15.36 10.75 21.88
C3 IPH H . 16.54 11.46 21.74
C4 IPH H . 16.67 12.39 20.71
C5 IPH H . 15.61 12.59 19.82
C6 IPH H . 14.43 11.87 19.97
O1 IPH H . 13.14 10.25 21.15
MG MG I . 5.57 0.03 -14.31
MG MG J . -6.18 8.18 11.45
#